data_5X8X
#
_entry.id   5X8X
#
_cell.length_a   79.300
_cell.length_b   72.600
_cell.length_c   99.320
_cell.angle_alpha   90.00
_cell.angle_beta   89.98
_cell.angle_gamma   90.00
#
_symmetry.space_group_name_H-M   'P 1 21 1'
#
loop_
_entity.id
_entity.type
_entity.pdbx_description
1 polymer 'Nuclear receptor ROR-gamma'
2 polymer 'Nuclear receptor corepressor 2'
3 non-polymer (3R,4R)-4-[4-cyclopropyl-5-[3-(2-methylpropyl)cyclobutyl]-1,2,4-triazol-3-yl]-N-(2,4-dimethylphenyl)-1-ethanoyl-pyrrolidine-3-carboxamide
4 water water
#
loop_
_entity_poly.entity_id
_entity_poly.type
_entity_poly.pdbx_seq_one_letter_code
_entity_poly.pdbx_strand_id
1 'polypeptide(L)'
;EAPYASLTEIEHLVQSVCKSYRETCQLRLEDLLRQRSNIFSREEVTGYQRKSMWEMWERCAHHLTEAIQYVVEFAKRLSG
FMELCQNDQIVLLKAGAMEVVLVRMCRAYNADNRTVFFEGKYGGMELFRALGCSELISSIFDFSHSLSALHFSEDEIALY
TALVLINAHRPGLQEKRKVEQLQYNLELAFHHHLCKTHRQSILAKLPPAGKLASLCSQHVERLQIFQHLHPIVVQAAFPP
LYKELFSTETESPVGLSK
;
A,C,E,G
2 'polypeptide(L)' TNMGLEAIIRKALMGKYDQWEE B,D,F,H
#
# COMPACT_ATOMS: atom_id res chain seq x y z
N SER A 6 -5.75 38.15 -19.69
CA SER A 6 -6.89 37.30 -20.14
C SER A 6 -7.30 36.28 -19.07
N LEU A 7 -8.52 35.75 -19.24
CA LEU A 7 -9.10 34.77 -18.35
C LEU A 7 -8.28 33.48 -18.34
N THR A 8 -7.86 33.05 -19.52
CA THR A 8 -7.04 31.85 -19.66
C THR A 8 -5.71 32.00 -18.91
N GLU A 9 -5.13 33.21 -18.96
CA GLU A 9 -3.86 33.48 -18.28
C GLU A 9 -3.97 33.28 -16.76
N ILE A 10 -5.05 33.80 -16.19
CA ILE A 10 -5.37 33.63 -14.77
C ILE A 10 -5.45 32.16 -14.40
N GLU A 11 -6.15 31.36 -15.22
CA GLU A 11 -6.29 29.95 -14.98
C GLU A 11 -4.93 29.20 -15.00
N HIS A 12 -4.02 29.60 -15.88
CA HIS A 12 -2.65 29.05 -15.86
C HIS A 12 -2.01 29.24 -14.51
N LEU A 13 -2.16 30.44 -13.95
CA LEU A 13 -1.63 30.75 -12.62
C LEU A 13 -2.24 29.86 -11.52
N VAL A 14 -3.57 29.69 -11.53
CA VAL A 14 -4.25 28.87 -10.52
C VAL A 14 -3.77 27.42 -10.56
N GLN A 15 -3.73 26.83 -11.74
CA GLN A 15 -3.27 25.43 -11.90
C GLN A 15 -1.81 25.30 -11.48
N SER A 16 -0.99 26.27 -11.86
CA SER A 16 0.41 26.27 -11.51
C SER A 16 0.61 26.28 -9.98
N VAL A 17 -0.10 27.15 -9.27
CA VAL A 17 0.00 27.24 -7.81
C VAL A 17 -0.46 25.97 -7.14
N CYS A 18 -1.55 25.37 -7.65
CA CYS A 18 -2.03 24.08 -7.15
C CYS A 18 -1.05 22.95 -7.38
N LYS A 19 -0.46 22.92 -8.57
CA LYS A 19 0.57 21.92 -8.93
C LYS A 19 1.67 21.95 -7.89
N SER A 20 2.20 23.13 -7.64
CA SER A 20 3.33 23.30 -6.76
C SER A 20 3.00 22.94 -5.32
N TYR A 21 1.78 23.27 -4.87
CA TYR A 21 1.31 22.92 -3.51
C TYR A 21 1.18 21.41 -3.30
N ARG A 22 0.57 20.71 -4.24
CA ARG A 22 0.50 19.24 -4.25
C ARG A 22 1.91 18.62 -4.31
N GLU A 23 2.76 19.10 -5.21
CA GLU A 23 4.17 18.64 -5.28
C GLU A 23 4.92 18.78 -3.95
N THR A 24 4.60 19.77 -3.13
CA THR A 24 5.36 20.02 -1.91
C THR A 24 4.60 19.68 -0.63
N CYS A 25 3.46 19.02 -0.77
CA CYS A 25 2.83 18.44 0.42
C CYS A 25 3.58 17.14 0.72
N GLN A 26 3.75 16.83 2.00
CA GLN A 26 4.49 15.62 2.34
C GLN A 26 3.70 14.36 1.97
N LEU A 27 2.44 14.33 2.37
CA LEU A 27 1.50 13.25 1.96
C LEU A 27 0.35 13.84 1.14
N ARG A 28 -0.07 13.14 0.07
CA ARG A 28 -1.24 13.54 -0.73
C ARG A 28 -2.49 13.54 0.15
N LEU A 29 -3.40 14.47 -0.06
CA LEU A 29 -4.53 14.59 0.85
C LEU A 29 -5.33 13.29 0.93
N GLU A 30 -5.47 12.57 -0.20
CA GLU A 30 -6.10 11.24 -0.25
C GLU A 30 -5.51 10.29 0.80
N ASP A 31 -4.17 10.18 0.82
CA ASP A 31 -3.45 9.42 1.86
C ASP A 31 -3.78 9.88 3.29
N LEU A 32 -3.85 11.17 3.56
CA LEU A 32 -4.17 11.58 4.93
C LEU A 32 -5.52 11.12 5.36
N LEU A 33 -6.50 11.24 4.47
CA LEU A 33 -7.87 10.84 4.76
C LEU A 33 -7.97 9.33 4.95
N ARG A 34 -7.33 8.57 4.07
CA ARG A 34 -7.29 7.09 4.13
C ARG A 34 -6.81 6.58 5.48
N GLN A 35 -5.75 7.19 5.98
CA GLN A 35 -5.12 6.73 7.20
C GLN A 35 -5.82 7.24 8.45
N ARG A 36 -6.93 7.97 8.32
CA ARG A 36 -7.66 8.44 9.50
C ARG A 36 -8.05 7.27 10.38
N SER A 37 -8.27 6.10 9.75
CA SER A 37 -8.68 4.87 10.42
C SER A 37 -7.58 4.34 11.34
N ASN A 38 -6.32 4.41 10.91
CA ASN A 38 -5.19 4.03 11.77
C ASN A 38 -5.08 4.97 12.97
N ILE A 39 -5.39 4.50 14.18
CA ILE A 39 -5.51 5.33 15.38
C ILE A 39 -4.63 4.73 16.49
N PHE A 40 -3.90 5.59 17.22
CA PHE A 40 -3.03 5.15 18.30
C PHE A 40 -3.86 4.46 19.37
N SER A 41 -3.39 3.29 19.84
CA SER A 41 -4.01 2.61 20.98
C SER A 41 -3.66 3.31 22.29
N ARG A 42 -4.47 3.09 23.34
CA ARG A 42 -4.23 3.72 24.66
C ARG A 42 -2.80 3.49 25.19
N GLU A 43 -2.23 2.35 24.87
CA GLU A 43 -0.89 2.00 25.30
C GLU A 43 0.15 2.88 24.60
N GLU A 44 0.03 3.02 23.26
CA GLU A 44 0.88 3.94 22.45
C GLU A 44 0.79 5.41 22.92
N VAL A 45 -0.43 5.85 23.26
CA VAL A 45 -0.66 7.15 23.89
C VAL A 45 0.15 7.33 25.17
N THR A 46 0.06 6.37 26.09
CA THR A 46 0.87 6.39 27.33
C THR A 46 2.38 6.36 27.00
N GLY A 47 2.77 5.63 25.96
CA GLY A 47 4.15 5.64 25.44
C GLY A 47 4.68 7.07 25.24
N TYR A 48 3.91 7.87 24.49
CA TYR A 48 4.24 9.28 24.27
C TYR A 48 4.16 10.07 25.57
N GLN A 49 3.10 9.88 26.34
CA GLN A 49 2.92 10.67 27.59
C GLN A 49 4.04 10.50 28.64
N ARG A 50 4.69 9.34 28.66
CA ARG A 50 5.76 9.11 29.62
C ARG A 50 7.12 9.69 29.19
N LYS A 51 7.29 10.02 27.90
CA LYS A 51 8.57 10.60 27.41
C LYS A 51 8.92 11.90 28.15
N SER A 52 10.20 12.26 28.17
CA SER A 52 10.60 13.51 28.82
C SER A 52 10.18 14.71 27.97
N MET A 53 9.88 15.81 28.65
CA MET A 53 9.59 17.08 28.03
C MET A 53 10.53 17.36 26.88
N TRP A 54 11.82 17.19 27.12
CA TRP A 54 12.80 17.47 26.11
C TRP A 54 12.63 16.57 24.91
N GLU A 55 12.39 15.29 25.14
CA GLU A 55 12.29 14.33 24.04
C GLU A 55 11.09 14.64 23.13
N MET A 56 9.96 14.96 23.76
CA MET A 56 8.76 15.32 23.04
C MET A 56 8.95 16.62 22.19
N TRP A 57 9.52 17.66 22.79
CA TRP A 57 9.85 18.88 22.05
C TRP A 57 10.92 18.63 21.00
N GLU A 58 11.82 17.70 21.25
CA GLU A 58 12.80 17.42 20.24
C GLU A 58 12.13 16.88 18.99
N ARG A 59 11.15 15.99 19.18
CA ARG A 59 10.44 15.35 18.07
C ARG A 59 9.55 16.39 17.39
N CYS A 60 8.76 17.07 18.21
CA CYS A 60 7.87 18.10 17.67
C CYS A 60 8.64 19.13 16.84
N ALA A 61 9.69 19.71 17.40
CA ALA A 61 10.51 20.67 16.65
C ALA A 61 11.12 20.08 15.39
N HIS A 62 11.52 18.82 15.43
CA HIS A 62 12.06 18.24 14.21
C HIS A 62 10.96 18.21 13.11
N HIS A 63 9.72 17.96 13.51
CA HIS A 63 8.63 17.94 12.53
C HIS A 63 8.21 19.37 12.10
N LEU A 64 8.21 20.31 13.04
CA LEU A 64 7.97 21.72 12.71
C LEU A 64 8.98 22.15 11.67
N THR A 65 10.25 21.83 11.89
CA THR A 65 11.36 22.13 10.95
C THR A 65 11.15 21.46 9.61
N GLU A 66 10.80 20.17 9.63
CA GLU A 66 10.59 19.43 8.40
C GLU A 66 9.49 20.12 7.56
N ALA A 67 8.44 20.61 8.23
CA ALA A 67 7.33 21.21 7.50
C ALA A 67 7.79 22.53 6.88
N ILE A 68 8.54 23.32 7.65
CA ILE A 68 9.05 24.59 7.13
C ILE A 68 9.85 24.35 5.87
N GLN A 69 10.68 23.30 5.85
CA GLN A 69 11.49 23.07 4.66
C GLN A 69 10.59 22.82 3.46
N TYR A 70 9.50 22.07 3.63
CA TYR A 70 8.54 21.88 2.55
C TYR A 70 7.91 23.21 2.09
N VAL A 71 7.60 24.07 3.04
CA VAL A 71 7.11 25.40 2.71
C VAL A 71 8.12 26.16 1.86
N VAL A 72 9.39 26.06 2.18
CA VAL A 72 10.42 26.68 1.33
C VAL A 72 10.39 26.14 -0.08
N GLU A 73 10.27 24.82 -0.23
CA GLU A 73 10.12 24.22 -1.56
C GLU A 73 8.92 24.79 -2.32
N PHE A 74 7.78 24.93 -1.62
CA PHE A 74 6.59 25.56 -2.16
C PHE A 74 6.94 26.91 -2.79
N ALA A 75 7.61 27.76 -2.02
CA ALA A 75 8.00 29.05 -2.55
C ALA A 75 8.89 28.95 -3.80
N LYS A 76 9.85 28.03 -3.79
CA LYS A 76 10.75 27.87 -4.93
C LYS A 76 9.97 27.65 -6.22
N ARG A 77 8.96 26.79 -6.16
CA ARG A 77 8.14 26.45 -7.31
C ARG A 77 7.10 27.51 -7.71
N LEU A 78 6.94 28.57 -6.92
CA LEU A 78 6.00 29.63 -7.27
C LEU A 78 6.58 30.45 -8.38
N SER A 79 5.68 31.07 -9.16
CA SER A 79 6.03 31.70 -10.43
C SER A 79 7.17 32.71 -10.35
N GLY A 80 6.98 33.82 -9.63
CA GLY A 80 7.99 34.85 -9.66
C GLY A 80 8.99 34.90 -8.52
N PHE A 81 8.91 33.90 -7.64
CA PHE A 81 9.59 33.94 -6.36
C PHE A 81 11.10 33.82 -6.52
N MET A 82 11.55 32.92 -7.41
CA MET A 82 12.98 32.72 -7.61
C MET A 82 13.65 33.95 -8.23
N GLU A 83 12.93 34.65 -9.10
CA GLU A 83 13.38 35.92 -9.70
C GLU A 83 13.67 37.02 -8.68
N LEU A 84 12.99 37.03 -7.53
CA LEU A 84 13.31 38.01 -6.47
C LEU A 84 14.71 37.84 -5.92
N CYS A 85 15.28 38.93 -5.41
CA CYS A 85 16.62 38.88 -4.82
C CYS A 85 16.63 38.01 -3.57
N GLN A 86 17.82 37.54 -3.20
CA GLN A 86 17.97 36.66 -2.06
C GLN A 86 17.37 37.30 -0.81
N ASN A 87 17.62 38.58 -0.58
CA ASN A 87 17.11 39.27 0.62
C ASN A 87 15.58 39.16 0.73
N ASP A 88 14.89 39.40 -0.38
CA ASP A 88 13.44 39.33 -0.40
C ASP A 88 12.91 37.90 -0.16
N GLN A 89 13.42 36.93 -0.93
CA GLN A 89 13.10 35.52 -0.71
C GLN A 89 13.10 35.19 0.78
N ILE A 90 14.16 35.60 1.50
CA ILE A 90 14.32 35.30 2.93
C ILE A 90 13.36 36.07 3.83
N VAL A 91 13.23 37.36 3.59
CA VAL A 91 12.29 38.20 4.35
C VAL A 91 10.88 37.57 4.30
N LEU A 92 10.44 37.14 3.12
CA LEU A 92 9.06 36.67 2.98
C LEU A 92 8.86 35.34 3.70
N LEU A 93 9.81 34.42 3.49
CA LEU A 93 9.82 33.14 4.18
C LEU A 93 9.89 33.28 5.72
N LYS A 94 10.71 34.21 6.23
CA LYS A 94 10.76 34.43 7.67
C LYS A 94 9.42 34.83 8.20
N ALA A 95 8.77 35.76 7.50
CA ALA A 95 7.53 36.36 7.99
C ALA A 95 6.35 35.39 7.82
N GLY A 96 6.39 34.57 6.78
CA GLY A 96 5.23 33.72 6.44
C GLY A 96 5.30 32.20 6.52
N ALA A 97 6.50 31.60 6.50
CA ALA A 97 6.61 30.13 6.46
C ALA A 97 5.84 29.38 7.58
N MET A 98 6.03 29.78 8.82
CA MET A 98 5.34 29.18 9.94
C MET A 98 3.83 29.31 9.88
N GLU A 99 3.32 30.48 9.49
CA GLU A 99 1.87 30.62 9.25
C GLU A 99 1.35 29.64 8.19
N VAL A 100 2.09 29.47 7.08
CA VAL A 100 1.76 28.44 6.09
C VAL A 100 1.72 27.06 6.73
N VAL A 101 2.68 26.76 7.60
CA VAL A 101 2.72 25.45 8.23
C VAL A 101 1.42 25.25 8.98
N LEU A 102 0.99 26.21 9.78
CA LEU A 102 -0.28 26.05 10.51
C LEU A 102 -1.52 25.86 9.63
N VAL A 103 -1.60 26.60 8.53
CA VAL A 103 -2.68 26.38 7.58
C VAL A 103 -2.62 24.95 6.99
N ARG A 104 -1.46 24.53 6.49
CA ARG A 104 -1.32 23.16 5.93
C ARG A 104 -1.71 22.08 6.95
N MET A 105 -1.55 22.38 8.24
CA MET A 105 -1.87 21.42 9.27
C MET A 105 -3.34 21.02 9.32
N CYS A 106 -4.26 21.91 8.97
CA CYS A 106 -5.72 21.54 9.00
C CYS A 106 -6.03 20.29 8.16
N ARG A 107 -5.21 20.03 7.16
CA ARG A 107 -5.36 18.86 6.30
C ARG A 107 -5.24 17.56 7.08
N ALA A 108 -4.31 17.54 8.03
CA ALA A 108 -4.03 16.36 8.83
C ALA A 108 -4.87 16.26 10.08
N TYR A 109 -5.81 17.17 10.26
CA TYR A 109 -6.66 17.12 11.44
C TYR A 109 -8.00 16.53 11.04
N ASN A 110 -8.50 15.60 11.84
CA ASN A 110 -9.80 14.99 11.62
C ASN A 110 -10.80 15.54 12.61
N ALA A 111 -11.78 16.29 12.10
CA ALA A 111 -12.82 16.93 12.93
C ALA A 111 -13.84 15.99 13.61
N ASP A 112 -14.11 14.84 12.99
CA ASP A 112 -15.04 13.81 13.52
C ASP A 112 -14.70 13.39 14.91
N ASN A 113 -13.44 13.02 15.11
CA ASN A 113 -12.94 12.46 16.40
C ASN A 113 -11.92 13.36 17.14
N ARG A 114 -11.63 14.56 16.60
CA ARG A 114 -10.69 15.53 17.21
C ARG A 114 -9.26 14.95 17.38
N THR A 115 -8.76 14.30 16.32
CA THR A 115 -7.45 13.65 16.34
C THR A 115 -6.63 14.13 15.17
N VAL A 116 -5.31 13.92 15.21
CA VAL A 116 -4.35 14.49 14.24
C VAL A 116 -3.29 13.49 13.80
N PHE A 117 -2.87 13.51 12.55
CA PHE A 117 -1.78 12.65 12.08
C PHE A 117 -0.50 13.02 12.81
N PHE A 118 0.15 12.04 13.41
CA PHE A 118 1.44 12.22 14.10
C PHE A 118 2.25 10.92 13.97
N GLU A 119 3.37 11.01 13.25
CA GLU A 119 4.33 9.91 13.11
C GLU A 119 3.65 8.59 12.78
N GLY A 120 2.89 8.56 11.68
CA GLY A 120 2.33 7.31 11.15
C GLY A 120 0.91 6.95 11.51
N LYS A 121 0.35 7.57 12.56
CA LYS A 121 -1.03 7.26 13.08
C LYS A 121 -1.73 8.50 13.64
N TYR A 122 -3.06 8.51 13.68
CA TYR A 122 -3.78 9.65 14.29
C TYR A 122 -3.90 9.43 15.81
N GLY A 123 -3.87 10.50 16.58
CA GLY A 123 -4.23 10.42 18.00
C GLY A 123 -4.71 11.78 18.43
N GLY A 124 -5.28 11.85 19.63
CA GLY A 124 -5.84 13.08 20.16
C GLY A 124 -4.82 14.04 20.76
N MET A 125 -5.35 15.01 21.49
CA MET A 125 -4.59 16.11 22.05
C MET A 125 -3.74 15.58 23.19
N GLU A 126 -4.23 14.52 23.83
CA GLU A 126 -3.59 13.90 24.99
C GLU A 126 -2.23 13.35 24.61
N LEU A 127 -2.05 12.95 23.36
CA LEU A 127 -0.77 12.53 22.85
C LEU A 127 0.41 13.48 23.18
N PHE A 128 0.13 14.78 23.34
CA PHE A 128 1.15 15.78 23.55
C PHE A 128 1.28 16.29 24.98
N ARG A 129 0.79 15.54 25.97
CA ARG A 129 0.85 16.01 27.38
C ARG A 129 2.29 16.36 27.86
N ALA A 130 3.29 15.60 27.37
CA ALA A 130 4.68 15.81 27.78
C ALA A 130 5.24 17.20 27.45
N LEU A 131 4.70 17.83 26.40
CA LEU A 131 5.15 19.14 25.97
C LEU A 131 4.89 20.17 27.03
N GLY A 132 3.84 19.94 27.83
CA GLY A 132 3.59 20.78 29.00
C GLY A 132 2.78 22.04 28.76
N CYS A 133 2.85 22.58 27.54
CA CYS A 133 2.16 23.83 27.19
C CYS A 133 0.72 23.64 26.83
N SER A 134 -0.10 23.29 27.80
CA SER A 134 -1.52 22.98 27.55
C SER A 134 -2.24 24.09 26.81
N GLU A 135 -2.11 25.35 27.27
CA GLU A 135 -2.79 26.46 26.59
C GLU A 135 -2.37 26.58 25.12
N LEU A 136 -1.09 26.40 24.82
CA LEU A 136 -0.60 26.52 23.44
C LEU A 136 -1.09 25.39 22.55
N ILE A 137 -0.91 24.15 22.99
CA ILE A 137 -1.38 22.94 22.27
C ILE A 137 -2.89 23.03 22.01
N SER A 138 -3.66 23.35 23.05
CA SER A 138 -5.09 23.48 22.91
C SER A 138 -5.45 24.50 21.83
N SER A 139 -4.72 25.62 21.76
CA SER A 139 -4.98 26.67 20.77
C SER A 139 -4.68 26.22 19.38
N ILE A 140 -3.59 25.46 19.21
CA ILE A 140 -3.26 24.94 17.89
C ILE A 140 -4.35 23.97 17.41
N PHE A 141 -4.94 23.21 18.34
CA PHE A 141 -6.05 22.33 17.99
C PHE A 141 -7.28 23.13 17.57
N ASP A 142 -7.70 24.09 18.37
CA ASP A 142 -8.83 24.97 18.04
C ASP A 142 -8.63 25.66 16.69
N PHE A 143 -7.48 26.24 16.45
CA PHE A 143 -7.19 26.81 15.14
C PHE A 143 -7.42 25.83 14.00
N SER A 144 -6.97 24.60 14.15
CA SER A 144 -7.12 23.62 13.08
C SER A 144 -8.58 23.19 12.90
N HIS A 145 -9.28 23.12 14.03
CA HIS A 145 -10.68 22.78 14.07
C HIS A 145 -11.48 23.81 13.27
N SER A 146 -11.22 25.11 13.49
CA SER A 146 -11.87 26.20 12.79
C SER A 146 -11.65 26.14 11.31
N LEU A 147 -10.41 25.92 10.89
CA LEU A 147 -10.11 25.81 9.48
C LEU A 147 -10.79 24.64 8.81
N SER A 148 -10.85 23.50 9.51
CA SER A 148 -11.52 22.31 8.97
C SER A 148 -13.00 22.60 8.75
N ALA A 149 -13.63 23.26 9.74
CA ALA A 149 -15.04 23.63 9.64
C ALA A 149 -15.35 24.41 8.33
N LEU A 150 -14.38 25.17 7.82
CA LEU A 150 -14.57 25.94 6.60
C LEU A 150 -14.52 25.10 5.35
N HIS A 151 -13.98 23.88 5.47
CA HIS A 151 -13.89 22.94 4.34
C HIS A 151 -13.13 23.51 3.16
N PHE A 152 -12.00 24.12 3.45
CA PHE A 152 -11.05 24.54 2.43
C PHE A 152 -10.72 23.37 1.51
N SER A 153 -10.81 23.59 0.22
CA SER A 153 -10.38 22.64 -0.75
C SER A 153 -8.89 22.81 -0.94
N GLU A 154 -8.30 21.87 -1.66
CA GLU A 154 -6.90 21.90 -2.00
C GLU A 154 -6.51 23.14 -2.70
N ASP A 155 -7.34 23.57 -3.65
CA ASP A 155 -7.07 24.78 -4.44
C ASP A 155 -7.07 26.03 -3.57
N GLU A 156 -8.07 26.16 -2.70
CA GLU A 156 -8.17 27.28 -1.78
C GLU A 156 -6.94 27.37 -0.84
N ILE A 157 -6.53 26.26 -0.22
CA ILE A 157 -5.32 26.24 0.60
C ILE A 157 -4.14 26.66 -0.22
N ALA A 158 -3.97 26.12 -1.44
CA ALA A 158 -2.78 26.45 -2.25
C ALA A 158 -2.71 27.96 -2.48
N LEU A 159 -3.85 28.60 -2.81
CA LEU A 159 -3.80 30.00 -3.21
C LEU A 159 -3.68 30.87 -2.03
N TYR A 160 -4.33 30.50 -0.94
CA TYR A 160 -4.29 31.33 0.25
C TYR A 160 -2.88 31.31 0.84
N THR A 161 -2.29 30.12 1.02
CA THR A 161 -0.94 30.02 1.53
C THR A 161 0.02 30.76 0.60
N ALA A 162 -0.19 30.72 -0.73
CA ALA A 162 0.61 31.58 -1.63
C ALA A 162 0.57 33.03 -1.24
N LEU A 163 -0.60 33.52 -0.86
CA LEU A 163 -0.76 34.93 -0.46
C LEU A 163 -0.20 35.23 0.91
N VAL A 164 -0.24 34.27 1.80
CA VAL A 164 0.45 34.43 3.08
C VAL A 164 1.94 34.72 2.82
N LEU A 165 2.60 33.99 1.92
CA LEU A 165 4.03 34.20 1.64
C LEU A 165 4.28 35.45 0.89
N ILE A 166 3.58 35.60 -0.24
CA ILE A 166 3.71 36.77 -1.10
C ILE A 166 2.90 37.95 -0.55
N ASN A 167 3.47 38.58 0.49
CA ASN A 167 2.92 39.78 1.10
C ASN A 167 3.92 40.91 0.92
N ALA A 168 3.49 41.99 0.28
CA ALA A 168 4.35 43.14 -0.07
C ALA A 168 4.62 44.12 1.04
N HIS A 169 3.95 43.98 2.19
CA HIS A 169 4.12 44.91 3.30
C HIS A 169 5.05 44.39 4.38
N ARG A 170 5.87 43.37 4.07
CA ARG A 170 6.79 42.89 5.10
C ARG A 170 7.91 43.95 5.28
N PRO A 171 8.18 44.41 6.53
CA PRO A 171 9.39 45.19 6.74
C PRO A 171 10.61 44.53 6.13
N GLY A 172 11.48 45.29 5.51
CA GLY A 172 12.80 44.76 5.08
C GLY A 172 12.90 44.41 3.61
N LEU A 173 11.79 44.53 2.88
CA LEU A 173 11.83 44.16 1.47
C LEU A 173 12.57 45.22 0.65
N GLN A 174 13.44 44.77 -0.25
CA GLN A 174 14.19 45.67 -1.14
C GLN A 174 13.35 46.08 -2.33
N GLU A 175 12.92 45.07 -3.10
CA GLU A 175 12.16 45.26 -4.31
C GLU A 175 10.65 45.16 -4.05
N LYS A 176 10.10 46.11 -3.28
CA LYS A 176 8.66 46.17 -2.95
C LYS A 176 7.75 46.05 -4.20
N ARG A 177 8.06 46.83 -5.25
CA ARG A 177 7.24 46.80 -6.49
C ARG A 177 7.15 45.41 -7.09
N LYS A 178 8.26 44.73 -7.30
CA LYS A 178 8.22 43.35 -7.87
C LYS A 178 7.27 42.45 -7.06
N VAL A 179 7.31 42.57 -5.73
CA VAL A 179 6.48 41.78 -4.83
C VAL A 179 4.99 42.14 -4.93
N GLU A 180 4.69 43.42 -5.01
CA GLU A 180 3.33 43.88 -5.37
C GLU A 180 2.84 43.27 -6.68
N GLN A 181 3.69 43.24 -7.71
CA GLN A 181 3.28 42.67 -9.00
C GLN A 181 2.80 41.23 -8.80
N LEU A 182 3.60 40.42 -8.09
CA LEU A 182 3.31 39.01 -7.85
C LEU A 182 2.09 38.88 -6.94
N GLN A 183 2.01 39.68 -5.90
CA GLN A 183 0.88 39.55 -4.99
C GLN A 183 -0.43 39.89 -5.70
N TYR A 184 -0.44 40.99 -6.43
CA TYR A 184 -1.62 41.41 -7.18
C TYR A 184 -2.14 40.33 -8.16
N ASN A 185 -1.26 39.73 -8.95
CA ASN A 185 -1.61 38.61 -9.81
C ASN A 185 -2.20 37.44 -9.06
N LEU A 186 -1.67 37.16 -7.86
CA LEU A 186 -2.23 36.11 -7.03
C LEU A 186 -3.61 36.52 -6.50
N GLU A 187 -3.78 37.77 -6.09
CA GLU A 187 -5.11 38.19 -5.62
C GLU A 187 -6.14 38.16 -6.76
N LEU A 188 -5.68 38.39 -7.99
CA LEU A 188 -6.51 38.38 -9.15
C LEU A 188 -6.99 36.97 -9.38
N ALA A 189 -6.04 36.04 -9.51
CA ALA A 189 -6.36 34.63 -9.71
C ALA A 189 -7.23 34.09 -8.59
N PHE A 190 -6.93 34.46 -7.35
CA PHE A 190 -7.70 33.88 -6.26
C PHE A 190 -9.10 34.43 -6.22
N HIS A 191 -9.24 35.74 -6.42
CA HIS A 191 -10.56 36.35 -6.51
C HIS A 191 -11.43 35.71 -7.61
N HIS A 192 -10.86 35.45 -8.80
CA HIS A 192 -11.59 34.81 -9.88
C HIS A 192 -12.08 33.42 -9.48
N HIS A 193 -11.21 32.66 -8.83
CA HIS A 193 -11.49 31.31 -8.40
C HIS A 193 -12.55 31.34 -7.35
N LEU A 194 -12.46 32.29 -6.41
CA LEU A 194 -13.52 32.34 -5.38
C LEU A 194 -14.88 32.67 -5.96
N CYS A 195 -14.92 33.54 -6.97
CA CYS A 195 -16.18 33.91 -7.65
C CYS A 195 -16.86 32.72 -8.34
N LYS A 196 -16.15 32.01 -9.22
CA LYS A 196 -16.71 30.88 -9.93
C LYS A 196 -17.26 29.80 -8.96
N THR A 197 -16.61 29.62 -7.81
CA THR A 197 -16.99 28.58 -6.86
C THR A 197 -17.98 29.08 -5.80
N HIS A 198 -18.40 30.32 -5.89
CA HIS A 198 -19.36 30.90 -4.92
C HIS A 198 -18.86 30.80 -3.47
N ARG A 199 -17.57 31.10 -3.27
CA ARG A 199 -16.92 31.00 -1.96
C ARG A 199 -16.22 32.32 -1.52
N GLN A 200 -16.71 33.45 -2.04
CA GLN A 200 -16.10 34.74 -1.76
C GLN A 200 -15.97 35.05 -0.28
N SER A 201 -16.95 34.64 0.54
CA SER A 201 -16.95 35.05 1.95
C SER A 201 -15.98 34.28 2.86
N ILE A 202 -15.36 33.20 2.38
CA ILE A 202 -14.56 32.36 3.32
C ILE A 202 -13.40 33.03 4.04
N LEU A 203 -12.74 33.99 3.41
CA LEU A 203 -11.56 34.62 4.00
C LEU A 203 -11.90 35.53 5.15
N ALA A 204 -13.16 35.90 5.24
CA ALA A 204 -13.68 36.65 6.39
C ALA A 204 -13.74 35.75 7.62
N LYS A 205 -13.95 34.46 7.41
CA LYS A 205 -14.17 33.52 8.52
C LYS A 205 -12.86 32.97 9.13
N LEU A 206 -11.74 33.12 8.42
CA LEU A 206 -10.43 32.67 8.90
C LEU A 206 -10.07 33.10 10.31
N PRO A 207 -9.60 32.16 11.16
CA PRO A 207 -9.12 32.57 12.49
C PRO A 207 -7.71 33.16 12.42
N PRO A 208 -7.34 33.96 13.43
CA PRO A 208 -6.08 34.68 13.30
C PRO A 208 -4.91 33.79 13.66
N ALA A 209 -3.88 33.83 12.85
CA ALA A 209 -2.78 32.88 12.93
C ALA A 209 -1.39 33.44 13.36
N GLY A 210 -1.31 34.74 13.58
CA GLY A 210 -0.02 35.43 13.73
C GLY A 210 0.69 35.13 15.04
N LYS A 211 -0.05 35.31 16.14
CA LYS A 211 0.41 34.98 17.48
C LYS A 211 0.79 33.50 17.62
N LEU A 212 -0.04 32.58 17.10
CA LEU A 212 0.23 31.15 17.18
C LEU A 212 1.49 30.76 16.46
N ALA A 213 1.69 31.29 15.24
CA ALA A 213 2.84 30.85 14.43
C ALA A 213 4.10 31.37 15.09
N SER A 214 3.98 32.53 15.73
CA SER A 214 5.13 33.16 16.30
C SER A 214 5.59 32.33 17.49
N LEU A 215 4.64 31.88 18.33
CA LEU A 215 4.97 30.99 19.42
C LEU A 215 5.64 29.69 18.95
N CYS A 216 5.18 29.11 17.84
CA CYS A 216 5.82 27.92 17.33
C CYS A 216 7.22 28.20 16.92
N SER A 217 7.44 29.35 16.30
CA SER A 217 8.78 29.69 15.87
C SER A 217 9.71 29.83 17.08
N GLN A 218 9.20 30.42 18.16
CA GLN A 218 9.95 30.62 19.38
C GLN A 218 10.34 29.30 19.97
N HIS A 219 9.40 28.36 20.09
CA HIS A 219 9.72 27.04 20.58
C HIS A 219 10.79 26.36 19.71
N VAL A 220 10.65 26.41 18.37
CA VAL A 220 11.68 25.85 17.47
C VAL A 220 13.05 26.43 17.77
N GLU A 221 13.12 27.75 17.92
CA GLU A 221 14.38 28.44 18.20
C GLU A 221 14.96 28.07 19.58
N ARG A 222 14.12 28.04 20.63
CA ARG A 222 14.55 27.66 21.98
C ARG A 222 15.31 26.31 21.96
N LEU A 223 14.79 25.32 21.24
CA LEU A 223 15.46 24.04 21.10
C LEU A 223 16.82 24.09 20.39
N GLN A 224 16.92 24.82 19.29
CA GLN A 224 18.25 24.99 18.65
C GLN A 224 19.29 25.71 19.53
N ILE A 225 18.84 26.69 20.27
CA ILE A 225 19.74 27.48 21.11
C ILE A 225 20.29 26.62 22.24
N PHE A 226 19.42 25.82 22.89
CA PHE A 226 19.80 25.09 24.08
C PHE A 226 20.19 23.62 23.83
N GLN A 227 20.57 23.28 22.60
CA GLN A 227 20.85 21.86 22.29
C GLN A 227 22.02 21.28 23.08
N HIS A 228 23.03 22.10 23.42
CA HIS A 228 24.20 21.63 24.12
C HIS A 228 23.88 21.23 25.55
N LEU A 229 22.90 21.90 26.15
CA LEU A 229 22.38 21.49 27.46
C LEU A 229 21.62 20.13 27.52
N HIS A 230 21.31 19.52 26.35
CA HIS A 230 20.54 18.26 26.28
C HIS A 230 21.28 17.12 25.52
N PRO A 231 20.77 15.86 25.60
CA PRO A 231 21.40 14.71 24.89
C PRO A 231 21.57 14.88 23.39
N ILE A 232 22.60 14.23 22.88
CA ILE A 232 22.99 14.22 21.48
C ILE A 232 21.80 13.78 20.63
N VAL A 233 21.54 14.49 19.54
CA VAL A 233 20.58 14.04 18.52
C VAL A 233 21.06 14.48 17.13
N ASN B 2 12.51 35.82 13.40
CA ASN B 2 13.25 34.99 14.44
C ASN B 2 14.55 34.44 13.80
N MET B 3 15.73 34.51 14.47
CA MET B 3 16.97 34.01 13.89
C MET B 3 17.04 32.48 13.69
N GLY B 4 16.47 31.72 14.63
CA GLY B 4 16.35 30.26 14.46
C GLY B 4 15.66 29.85 13.15
N LEU B 5 14.51 30.47 12.90
CA LEU B 5 13.75 30.25 11.67
C LEU B 5 14.55 30.60 10.42
N GLU B 6 15.32 31.69 10.53
CA GLU B 6 16.17 32.19 9.45
C GLU B 6 17.23 31.19 9.03
N ALA B 7 17.80 30.51 10.00
CA ALA B 7 18.88 29.54 9.73
C ALA B 7 18.33 28.39 8.92
N ILE B 8 17.15 27.87 9.32
CA ILE B 8 16.49 26.78 8.58
C ILE B 8 16.25 27.22 7.12
N ILE B 9 15.77 28.46 6.97
CA ILE B 9 15.36 28.97 5.67
C ILE B 9 16.54 29.18 4.73
N ARG B 10 17.60 29.81 5.23
CA ARG B 10 18.85 30.01 4.46
C ARG B 10 19.35 28.70 3.89
N LYS B 11 19.50 27.70 4.78
CA LYS B 11 19.97 26.38 4.36
C LYS B 11 19.07 25.78 3.30
N ALA B 12 17.76 25.87 3.50
CA ALA B 12 16.79 25.29 2.56
C ALA B 12 16.86 25.92 1.17
N LEU B 13 17.02 27.25 1.15
CA LEU B 13 17.18 27.98 -0.11
C LEU B 13 18.41 27.58 -0.91
N MET B 14 19.52 27.35 -0.20
CA MET B 14 20.79 26.98 -0.84
C MET B 14 21.47 25.71 -0.30
N SER C 6 2.90 -17.10 -6.31
CA SER C 6 3.92 -16.16 -5.74
C SER C 6 3.38 -14.74 -5.56
N LEU C 7 4.07 -13.99 -4.71
CA LEU C 7 3.74 -12.60 -4.40
C LEU C 7 3.81 -11.72 -5.64
N THR C 8 4.84 -11.92 -6.44
CA THR C 8 5.03 -11.17 -7.68
C THR C 8 3.86 -11.43 -8.65
N GLU C 9 3.38 -12.67 -8.70
CA GLU C 9 2.27 -13.05 -9.58
C GLU C 9 1.00 -12.27 -9.24
N ILE C 10 0.71 -12.18 -7.95
CA ILE C 10 -0.41 -11.40 -7.43
C ILE C 10 -0.32 -9.94 -7.85
N GLU C 11 0.88 -9.36 -7.73
CA GLU C 11 1.10 -7.97 -8.11
C GLU C 11 0.86 -7.74 -9.60
N HIS C 12 1.23 -8.69 -10.46
CA HIS C 12 0.89 -8.61 -11.90
C HIS C 12 -0.60 -8.43 -12.10
N LEU C 13 -1.39 -9.23 -11.37
CA LEU C 13 -2.85 -9.14 -11.43
C LEU C 13 -3.38 -7.78 -10.96
N VAL C 14 -2.87 -7.25 -9.86
CA VAL C 14 -3.32 -5.95 -9.33
C VAL C 14 -3.05 -4.83 -10.33
N GLN C 15 -1.83 -4.76 -10.86
CA GLN C 15 -1.47 -3.72 -11.83
C GLN C 15 -2.30 -3.87 -13.10
N SER C 16 -2.52 -5.10 -13.54
CA SER C 16 -3.31 -5.35 -14.71
C SER C 16 -4.76 -4.84 -14.56
N VAL C 17 -5.39 -5.13 -13.42
CA VAL C 17 -6.78 -4.69 -13.16
C VAL C 17 -6.85 -3.18 -13.08
N CYS C 18 -5.86 -2.55 -12.44
CA CYS C 18 -5.80 -1.08 -12.38
C CYS C 18 -5.60 -0.45 -13.74
N LYS C 19 -4.73 -1.03 -14.56
CA LYS C 19 -4.47 -0.56 -15.93
C LYS C 19 -5.78 -0.52 -16.68
N SER C 20 -6.50 -1.62 -16.66
CA SER C 20 -7.72 -1.75 -17.42
C SER C 20 -8.82 -0.80 -16.93
N TYR C 21 -8.89 -0.57 -15.61
CA TYR C 21 -9.86 0.37 -15.04
C TYR C 21 -9.60 1.82 -15.44
N ARG C 22 -8.35 2.26 -15.35
CA ARG C 22 -7.92 3.58 -15.86
C ARG C 22 -8.18 3.71 -17.38
N GLU C 23 -7.80 2.69 -18.16
CA GLU C 23 -8.11 2.68 -19.60
C GLU C 23 -9.60 2.84 -19.93
N THR C 24 -10.48 2.35 -19.07
CA THR C 24 -11.92 2.38 -19.36
C THR C 24 -12.71 3.38 -18.51
N CYS C 25 -12.02 4.22 -17.78
CA CYS C 25 -12.69 5.35 -17.13
C CYS C 25 -12.89 6.41 -18.19
N GLN C 26 -14.02 7.11 -18.13
CA GLN C 26 -14.33 8.10 -19.14
C GLN C 26 -13.37 9.30 -19.03
N LEU C 27 -13.23 9.84 -17.82
CA LEU C 27 -12.26 10.88 -17.49
C LEU C 27 -11.24 10.39 -16.47
N ARG C 28 -9.97 10.78 -16.63
CA ARG C 28 -8.92 10.46 -15.63
C ARG C 28 -9.27 11.11 -14.29
N LEU C 29 -9.02 10.45 -13.17
CA LEU C 29 -9.46 11.01 -11.90
C LEU C 29 -8.93 12.44 -11.68
N GLU C 30 -7.66 12.67 -12.09
CA GLU C 30 -7.03 14.01 -12.03
C GLU C 30 -7.92 15.07 -12.69
N ASP C 31 -8.34 14.81 -13.93
CA ASP C 31 -9.31 15.68 -14.63
C ASP C 31 -10.62 15.91 -13.88
N LEU C 32 -11.20 14.88 -13.27
CA LEU C 32 -12.45 15.13 -12.54
C LEU C 32 -12.26 16.09 -11.40
N LEU C 33 -11.16 15.90 -10.67
CA LEU C 33 -10.87 16.75 -9.51
C LEU C 33 -10.57 18.17 -9.94
N ARG C 34 -9.75 18.32 -10.99
CA ARG C 34 -9.39 19.64 -11.55
C ARG C 34 -10.59 20.48 -11.90
N GLN C 35 -11.57 19.86 -12.53
CA GLN C 35 -12.72 20.58 -13.02
C GLN C 35 -13.78 20.78 -11.94
N ARG C 36 -13.52 20.39 -10.70
CA ARG C 36 -14.48 20.64 -9.61
C ARG C 36 -14.82 22.12 -9.52
N SER C 37 -13.84 22.95 -9.88
CA SER C 37 -13.95 24.42 -9.84
C SER C 37 -15.00 24.94 -10.83
N ASN C 38 -15.03 24.37 -12.03
CA ASN C 38 -16.03 24.73 -13.03
C ASN C 38 -17.43 24.33 -12.55
N ILE C 39 -18.28 25.31 -12.22
CA ILE C 39 -19.59 25.07 -11.58
C ILE C 39 -20.67 25.75 -12.39
N PHE C 40 -21.82 25.07 -12.57
CA PHE C 40 -22.96 25.64 -13.30
C PHE C 40 -23.44 26.91 -12.60
N SER C 41 -23.67 27.96 -13.40
CA SER C 41 -24.29 29.22 -12.90
C SER C 41 -25.78 29.03 -12.67
N ARG C 42 -26.39 29.87 -11.83
CA ARG C 42 -27.83 29.80 -11.54
C ARG C 42 -28.71 29.79 -12.81
N GLU C 43 -28.25 30.48 -13.84
CA GLU C 43 -28.97 30.55 -15.09
C GLU C 43 -28.95 29.18 -15.79
N GLU C 44 -27.75 28.56 -15.89
CA GLU C 44 -27.58 27.20 -16.45
C GLU C 44 -28.41 26.14 -15.70
N VAL C 45 -28.44 26.24 -14.37
CA VAL C 45 -29.31 25.41 -13.53
C VAL C 45 -30.78 25.53 -13.93
N THR C 46 -31.29 26.75 -14.04
CA THR C 46 -32.68 26.98 -14.51
C THR C 46 -32.87 26.44 -15.95
N GLY C 47 -31.84 26.56 -16.79
CA GLY C 47 -31.82 25.95 -18.13
C GLY C 47 -32.21 24.48 -18.11
N TYR C 48 -31.54 23.72 -17.26
CA TYR C 48 -31.85 22.29 -17.06
C TYR C 48 -33.20 22.12 -16.43
N GLN C 49 -33.52 22.90 -15.39
CA GLN C 49 -34.82 22.72 -14.70
C GLN C 49 -36.05 22.95 -15.57
N ARG C 50 -35.95 23.80 -16.58
CA ARG C 50 -37.10 24.06 -17.44
C ARG C 50 -37.30 23.02 -18.54
N LYS C 51 -36.28 22.19 -18.84
CA LYS C 51 -36.42 21.12 -19.86
C LYS C 51 -37.56 20.16 -19.54
N SER C 52 -38.09 19.50 -20.58
CA SER C 52 -39.17 18.54 -20.35
C SER C 52 -38.62 17.28 -19.69
N MET C 53 -39.48 16.65 -18.88
CA MET C 53 -39.21 15.35 -18.29
C MET C 53 -38.58 14.41 -19.27
N TRP C 54 -39.15 14.31 -20.46
CA TRP C 54 -38.62 13.40 -21.45
C TRP C 54 -37.20 13.78 -21.85
N GLU C 55 -36.96 15.05 -22.06
CA GLU C 55 -35.65 15.50 -22.53
C GLU C 55 -34.55 15.20 -21.48
N MET C 56 -34.85 15.47 -20.21
CA MET C 56 -33.95 15.21 -19.14
C MET C 56 -33.63 13.68 -18.98
N TRP C 57 -34.65 12.83 -19.02
CA TRP C 57 -34.45 11.40 -19.02
C TRP C 57 -33.76 10.92 -20.27
N GLU C 58 -34.00 11.57 -21.40
CA GLU C 58 -33.30 11.16 -22.60
C GLU C 58 -31.80 11.34 -22.38
N ARG C 59 -31.40 12.47 -21.80
CA ARG C 59 -29.99 12.81 -21.62
C ARG C 59 -29.40 11.88 -20.54
N CYS C 60 -30.10 11.80 -19.41
CA CYS C 60 -29.65 10.94 -18.33
C CYS C 60 -29.45 9.50 -18.79
N ALA C 61 -30.47 8.91 -19.42
CA ALA C 61 -30.34 7.55 -19.95
C ALA C 61 -29.22 7.41 -20.96
N HIS C 62 -28.99 8.42 -21.79
CA HIS C 62 -27.90 8.29 -22.74
C HIS C 62 -26.56 8.20 -21.98
N HIS C 63 -26.44 8.93 -20.88
CA HIS C 63 -25.20 8.86 -20.08
C HIS C 63 -25.12 7.56 -19.24
N LEU C 64 -26.26 7.09 -18.70
CA LEU C 64 -26.32 5.79 -18.04
C LEU C 64 -25.80 4.74 -18.98
N THR C 65 -26.33 4.75 -20.20
CA THR C 65 -25.94 3.80 -21.28
C THR C 65 -24.47 3.93 -21.62
N GLU C 66 -23.99 5.16 -21.78
CA GLU C 66 -22.60 5.38 -22.11
C GLU C 66 -21.69 4.74 -21.04
N ALA C 67 -22.08 4.87 -19.76
CA ALA C 67 -21.26 4.36 -18.67
C ALA C 67 -21.24 2.82 -18.72
N ILE C 68 -22.42 2.23 -18.95
CA ILE C 68 -22.51 0.78 -19.04
C ILE C 68 -21.57 0.26 -20.10
N GLN C 69 -21.50 0.93 -21.24
CA GLN C 69 -20.64 0.45 -22.32
C GLN C 69 -19.20 0.46 -21.86
N TYR C 70 -18.78 1.50 -21.13
CA TYR C 70 -17.42 1.51 -20.56
C TYR C 70 -17.19 0.35 -19.58
N VAL C 71 -18.18 0.03 -18.77
CA VAL C 71 -18.10 -1.11 -17.89
C VAL C 71 -17.90 -2.40 -18.69
N VAL C 72 -18.59 -2.54 -19.82
CA VAL C 72 -18.35 -3.73 -20.66
C VAL C 72 -16.91 -3.79 -21.15
N GLU C 73 -16.35 -2.65 -21.57
CA GLU C 73 -14.94 -2.58 -21.96
C GLU C 73 -14.02 -3.02 -20.83
N PHE C 74 -14.32 -2.56 -19.62
CA PHE C 74 -13.60 -2.97 -18.43
C PHE C 74 -13.52 -4.49 -18.34
N ALA C 75 -14.68 -5.15 -18.45
CA ALA C 75 -14.69 -6.60 -18.41
C ALA C 75 -13.84 -7.23 -19.52
N LYS C 76 -13.93 -6.69 -20.74
CA LYS C 76 -13.15 -7.24 -21.87
C LYS C 76 -11.67 -7.33 -21.54
N ARG C 77 -11.14 -6.27 -20.92
CA ARG C 77 -9.74 -6.19 -20.59
C ARG C 77 -9.32 -6.98 -19.32
N LEU C 78 -10.27 -7.56 -18.60
CA LEU C 78 -9.95 -8.36 -17.43
C LEU C 78 -9.38 -9.69 -17.87
N SER C 79 -8.57 -10.28 -16.99
CA SER C 79 -7.75 -11.44 -17.32
C SER C 79 -8.47 -12.60 -17.99
N GLY C 80 -9.38 -13.25 -17.29
CA GLY C 80 -9.94 -14.49 -17.83
C GLY C 80 -11.33 -14.35 -18.44
N PHE C 81 -11.80 -13.11 -18.57
CA PHE C 81 -13.19 -12.84 -18.91
C PHE C 81 -13.50 -13.22 -20.34
N MET C 82 -12.59 -12.92 -21.27
CA MET C 82 -12.81 -13.26 -22.69
C MET C 82 -12.85 -14.77 -22.93
N GLU C 83 -12.05 -15.52 -22.18
CA GLU C 83 -12.06 -16.99 -22.22
C GLU C 83 -13.40 -17.62 -21.85
N LEU C 84 -14.20 -16.97 -20.99
CA LEU C 84 -15.53 -17.50 -20.67
C LEU C 84 -16.45 -17.52 -21.90
N CYS C 85 -17.42 -18.44 -21.89
CA CYS C 85 -18.38 -18.54 -22.97
C CYS C 85 -19.25 -17.30 -23.05
N GLN C 86 -19.86 -17.08 -24.22
CA GLN C 86 -20.67 -15.92 -24.47
C GLN C 86 -21.77 -15.80 -23.38
N ASN C 87 -22.42 -16.92 -23.06
CA ASN C 87 -23.51 -16.91 -22.08
C ASN C 87 -23.06 -16.33 -20.74
N ASP C 88 -21.90 -16.78 -20.25
CA ASP C 88 -21.38 -16.32 -18.99
C ASP C 88 -21.00 -14.83 -19.01
N GLN C 89 -20.22 -14.41 -20.00
CA GLN C 89 -19.89 -13.00 -20.19
C GLN C 89 -21.13 -12.13 -20.00
N ILE C 90 -22.25 -12.51 -20.66
CA ILE C 90 -23.50 -11.74 -20.61
C ILE C 90 -24.21 -11.82 -19.27
N VAL C 91 -24.32 -13.01 -18.70
CA VAL C 91 -24.93 -13.17 -17.39
C VAL C 91 -24.26 -12.26 -16.36
N LEU C 92 -22.93 -12.21 -16.37
CA LEU C 92 -22.23 -11.46 -15.33
C LEU C 92 -22.42 -9.96 -15.53
N LEU C 93 -22.28 -9.50 -16.75
CA LEU C 93 -22.55 -8.11 -17.12
C LEU C 93 -24.00 -7.66 -16.80
N LYS C 94 -24.98 -8.50 -17.09
CA LYS C 94 -26.36 -8.17 -16.74
C LYS C 94 -26.50 -7.93 -15.25
N ALA C 95 -25.93 -8.84 -14.47
CA ALA C 95 -26.13 -8.84 -13.02
C ALA C 95 -25.31 -7.75 -12.35
N GLY C 96 -24.14 -7.43 -12.92
CA GLY C 96 -23.23 -6.49 -12.26
C GLY C 96 -22.91 -5.12 -12.88
N ALA C 97 -23.12 -4.94 -14.20
CA ALA C 97 -22.70 -3.69 -14.86
C ALA C 97 -23.22 -2.39 -14.23
N MET C 98 -24.53 -2.32 -13.99
CA MET C 98 -25.13 -1.13 -13.38
C MET C 98 -24.60 -0.86 -11.97
N GLU C 99 -24.44 -1.90 -11.14
CA GLU C 99 -23.81 -1.71 -9.83
C GLU C 99 -22.38 -1.11 -9.95
N VAL C 100 -21.58 -1.59 -10.91
CA VAL C 100 -20.29 -0.98 -11.20
C VAL C 100 -20.43 0.49 -11.57
N VAL C 101 -21.43 0.81 -12.38
CA VAL C 101 -21.61 2.21 -12.79
C VAL C 101 -21.80 3.03 -11.56
N LEU C 102 -22.69 2.63 -10.64
CA LEU C 102 -22.88 3.43 -9.41
C LEU C 102 -21.63 3.60 -8.55
N VAL C 103 -20.83 2.53 -8.39
CA VAL C 103 -19.57 2.66 -7.71
C VAL C 103 -18.65 3.66 -8.41
N ARG C 104 -18.43 3.49 -9.73
CA ARG C 104 -17.55 4.43 -10.46
C ARG C 104 -18.01 5.90 -10.32
N MET C 105 -19.33 6.09 -10.12
CA MET C 105 -19.86 7.43 -10.02
C MET C 105 -19.35 8.22 -8.84
N CYS C 106 -19.04 7.58 -7.71
CA CYS C 106 -18.49 8.33 -6.53
C CYS C 106 -17.27 9.19 -6.86
N ARG C 107 -16.52 8.80 -7.86
CA ARG C 107 -15.34 9.55 -8.25
C ARG C 107 -15.67 10.97 -8.69
N ALA C 108 -16.80 11.14 -9.36
CA ALA C 108 -17.17 12.40 -9.94
C ALA C 108 -18.17 13.13 -9.07
N TYR C 109 -18.33 12.70 -7.83
CA TYR C 109 -19.12 13.46 -6.83
C TYR C 109 -18.13 14.19 -5.93
N ASN C 110 -18.41 15.46 -5.67
CA ASN C 110 -17.60 16.26 -4.78
C ASN C 110 -18.32 16.46 -3.46
N ALA C 111 -17.77 15.87 -2.39
CA ALA C 111 -18.36 15.91 -1.05
C ALA C 111 -18.36 17.27 -0.33
N ASP C 112 -17.38 18.13 -0.65
CA ASP C 112 -17.27 19.48 -0.07
C ASP C 112 -18.52 20.29 -0.24
N ASN C 113 -19.02 20.34 -1.49
CA ASN C 113 -20.17 21.17 -1.88
C ASN C 113 -21.42 20.39 -2.32
N ARG C 114 -21.37 19.04 -2.24
CA ARG C 114 -22.48 18.15 -2.61
C ARG C 114 -22.95 18.34 -4.07
N THR C 115 -21.99 18.37 -5.00
CA THR C 115 -22.26 18.60 -6.42
C THR C 115 -21.60 17.51 -7.22
N VAL C 116 -22.02 17.35 -8.50
CA VAL C 116 -21.63 16.21 -9.34
C VAL C 116 -21.27 16.64 -10.76
N PHE C 117 -20.28 16.01 -11.39
CA PHE C 117 -19.96 16.31 -12.79
C PHE C 117 -21.14 15.91 -13.66
N PHE C 118 -21.61 16.82 -14.50
CA PHE C 118 -22.69 16.57 -15.47
C PHE C 118 -22.44 17.42 -16.72
N GLU C 119 -22.18 16.77 -17.84
CA GLU C 119 -22.05 17.40 -19.15
C GLU C 119 -21.14 18.64 -19.10
N GLY C 120 -19.89 18.45 -18.64
CA GLY C 120 -18.87 19.49 -18.72
C GLY C 120 -18.62 20.34 -17.47
N LYS C 121 -19.58 20.37 -16.52
CA LYS C 121 -19.53 21.20 -15.30
C LYS C 121 -20.18 20.55 -14.09
N TYR C 122 -19.79 20.92 -12.85
CA TYR C 122 -20.43 20.36 -11.66
C TYR C 122 -21.69 21.16 -11.33
N GLY C 123 -22.71 20.50 -10.79
CA GLY C 123 -23.82 21.25 -10.18
C GLY C 123 -24.47 20.34 -9.16
N GLY C 124 -25.39 20.91 -8.39
CA GLY C 124 -26.05 20.17 -7.31
C GLY C 124 -27.21 19.29 -7.77
N MET C 125 -27.96 18.83 -6.79
CA MET C 125 -29.03 17.86 -6.97
C MET C 125 -30.19 18.53 -7.68
N GLU C 126 -30.31 19.85 -7.48
CA GLU C 126 -31.39 20.66 -8.05
C GLU C 126 -31.35 20.62 -9.57
N LEU C 127 -30.16 20.46 -10.13
CA LEU C 127 -30.01 20.31 -11.56
C LEU C 127 -30.97 19.27 -12.22
N PHE C 128 -31.38 18.25 -11.46
CA PHE C 128 -32.16 17.14 -11.99
C PHE C 128 -33.65 17.18 -11.62
N ARG C 129 -34.18 18.36 -11.23
CA ARG C 129 -35.61 18.42 -10.83
C ARG C 129 -36.59 17.90 -11.91
N ALA C 130 -36.25 18.14 -13.18
CA ALA C 130 -37.09 17.73 -14.32
C ALA C 130 -37.36 16.22 -14.40
N LEU C 131 -36.44 15.41 -13.88
CA LEU C 131 -36.58 13.96 -13.86
C LEU C 131 -37.78 13.55 -13.09
N GLY C 132 -38.15 14.34 -12.08
CA GLY C 132 -39.38 14.12 -11.32
C GLY C 132 -39.24 13.16 -10.13
N CYS C 133 -38.29 12.21 -10.21
CA CYS C 133 -38.11 11.20 -9.19
C CYS C 133 -37.24 11.66 -8.04
N SER C 134 -37.77 12.58 -7.23
CA SER C 134 -36.99 13.12 -6.10
C SER C 134 -36.42 12.03 -5.17
N GLU C 135 -37.25 11.09 -4.77
CA GLU C 135 -36.81 9.99 -3.90
C GLU C 135 -35.62 9.22 -4.49
N LEU C 136 -35.67 8.95 -5.80
CA LEU C 136 -34.61 8.16 -6.44
C LEU C 136 -33.31 8.94 -6.57
N ILE C 137 -33.41 10.17 -7.10
CA ILE C 137 -32.25 11.06 -7.23
C ILE C 137 -31.57 11.30 -5.88
N SER C 138 -32.37 11.63 -4.87
CA SER C 138 -31.85 11.86 -3.53
C SER C 138 -31.07 10.64 -3.03
N SER C 139 -31.57 9.42 -3.29
CA SER C 139 -30.91 8.20 -2.85
C SER C 139 -29.60 7.99 -3.55
N ILE C 140 -29.55 8.29 -4.85
CA ILE C 140 -28.31 8.14 -5.61
C ILE C 140 -27.25 9.10 -5.04
N PHE C 141 -27.68 10.29 -4.65
CA PHE C 141 -26.75 11.26 -4.03
C PHE C 141 -26.22 10.73 -2.68
N ASP C 142 -27.11 10.31 -1.80
CA ASP C 142 -26.69 9.72 -0.51
C ASP C 142 -25.72 8.56 -0.69
N PHE C 143 -26.06 7.61 -1.56
CA PHE C 143 -25.15 6.53 -1.87
C PHE C 143 -23.75 7.01 -2.27
N SER C 144 -23.67 8.03 -3.11
CA SER C 144 -22.38 8.51 -3.57
C SER C 144 -21.61 9.22 -2.45
N HIS C 145 -22.38 9.91 -1.61
CA HIS C 145 -21.82 10.60 -0.48
C HIS C 145 -21.14 9.59 0.46
N SER C 146 -21.82 8.48 0.77
CA SER C 146 -21.29 7.40 1.60
C SER C 146 -20.02 6.80 1.05
N LEU C 147 -20.01 6.51 -0.24
CA LEU C 147 -18.82 5.99 -0.88
C LEU C 147 -17.65 6.92 -0.85
N SER C 148 -17.90 8.22 -1.03
CA SER C 148 -16.83 9.21 -0.98
C SER C 148 -16.22 9.24 0.42
N ALA C 149 -17.08 9.21 1.46
CA ALA C 149 -16.63 9.17 2.84
C ALA C 149 -15.62 8.03 3.11
N LEU C 150 -15.70 6.93 2.37
CA LEU C 150 -14.75 5.82 2.52
C LEU C 150 -13.41 6.07 1.88
N HIS C 151 -13.34 7.06 1.02
CA HIS C 151 -12.07 7.48 0.39
C HIS C 151 -11.35 6.38 -0.35
N PHE C 152 -12.11 5.64 -1.13
CA PHE C 152 -11.58 4.62 -2.01
C PHE C 152 -10.52 5.24 -2.92
N SER C 153 -9.37 4.60 -3.01
CA SER C 153 -8.37 4.94 -3.96
C SER C 153 -8.73 4.32 -5.29
N GLU C 154 -8.00 4.75 -6.32
CA GLU C 154 -8.13 4.23 -7.67
C GLU C 154 -8.01 2.72 -7.70
N ASP C 155 -7.01 2.20 -6.98
CA ASP C 155 -6.73 0.77 -6.97
C ASP C 155 -7.85 -0.02 -6.32
N GLU C 156 -8.33 0.47 -5.18
CA GLU C 156 -9.45 -0.15 -4.49
C GLU C 156 -10.73 -0.19 -5.34
N ILE C 157 -11.10 0.91 -5.99
CA ILE C 157 -12.26 0.92 -6.90
C ILE C 157 -12.03 -0.11 -7.99
N ALA C 158 -10.84 -0.12 -8.61
CA ALA C 158 -10.62 -1.08 -9.71
C ALA C 158 -10.87 -2.53 -9.27
N LEU C 159 -10.36 -2.89 -8.09
CA LEU C 159 -10.40 -4.29 -7.68
C LEU C 159 -11.76 -4.64 -7.20
N TYR C 160 -12.41 -3.72 -6.51
CA TYR C 160 -13.72 -4.01 -5.95
C TYR C 160 -14.72 -4.17 -7.09
N THR C 161 -14.75 -3.20 -8.03
CA THR C 161 -15.65 -3.28 -9.17
C THR C 161 -15.38 -4.58 -9.95
N ALA C 162 -14.11 -4.99 -10.07
CA ALA C 162 -13.84 -6.31 -10.69
C ALA C 162 -14.59 -7.44 -10.02
N LEU C 163 -14.63 -7.41 -8.69
CA LEU C 163 -15.33 -8.46 -7.92
C LEU C 163 -16.85 -8.35 -7.99
N VAL C 164 -17.37 -7.13 -8.11
CA VAL C 164 -18.78 -6.98 -8.35
C VAL C 164 -19.17 -7.76 -9.64
N LEU C 165 -18.39 -7.66 -10.72
CA LEU C 165 -18.74 -8.33 -11.97
C LEU C 165 -18.48 -9.81 -11.89
N ILE C 166 -17.27 -10.18 -11.48
CA ILE C 166 -16.88 -11.57 -11.36
C ILE C 166 -17.41 -12.20 -10.05
N ASN C 167 -18.70 -12.52 -10.09
CA ASN C 167 -19.40 -13.19 -9.01
C ASN C 167 -19.89 -14.55 -9.52
N ALA C 168 -19.47 -15.62 -8.84
CA ALA C 168 -19.74 -16.99 -9.27
C ALA C 168 -21.11 -17.53 -8.89
N HIS C 169 -21.89 -16.79 -8.12
CA HIS C 169 -23.23 -17.22 -7.69
C HIS C 169 -24.34 -16.62 -8.51
N ARG C 170 -24.04 -16.07 -9.70
CA ARG C 170 -25.17 -15.51 -10.47
C ARG C 170 -25.96 -16.71 -11.06
N PRO C 171 -27.31 -16.76 -10.84
CA PRO C 171 -28.11 -17.75 -11.58
C PRO C 171 -27.81 -17.69 -13.07
N GLY C 172 -27.73 -18.84 -13.72
CA GLY C 172 -27.61 -18.88 -15.18
C GLY C 172 -26.22 -19.12 -15.72
N LEU C 173 -25.23 -19.18 -14.84
CA LEU C 173 -23.87 -19.41 -15.30
C LEU C 173 -23.68 -20.87 -15.74
N GLN C 174 -23.02 -21.05 -16.89
CA GLN C 174 -22.73 -22.40 -17.40
C GLN C 174 -21.47 -22.97 -16.74
N GLU C 175 -20.37 -22.24 -16.91
CA GLU C 175 -19.08 -22.64 -16.40
C GLU C 175 -18.79 -22.01 -15.03
N LYS C 176 -19.57 -22.40 -14.01
CA LYS C 176 -19.38 -21.94 -12.63
C LYS C 176 -17.94 -22.05 -12.12
N ARG C 177 -17.30 -23.22 -12.34
CA ARG C 177 -15.91 -23.44 -11.89
C ARG C 177 -14.95 -22.40 -12.46
N LYS C 178 -14.94 -22.18 -13.78
CA LYS C 178 -14.06 -21.18 -14.38
C LYS C 178 -14.22 -19.81 -13.71
N VAL C 179 -15.47 -19.43 -13.40
CA VAL C 179 -15.79 -18.15 -12.77
C VAL C 179 -15.29 -18.07 -11.33
N GLU C 180 -15.47 -19.15 -10.57
CA GLU C 180 -14.80 -19.28 -9.26
C GLU C 180 -13.30 -19.08 -9.35
N GLN C 181 -12.64 -19.70 -10.33
CA GLN C 181 -11.19 -19.56 -10.48
C GLN C 181 -10.81 -18.09 -10.58
N LEU C 182 -11.49 -17.33 -11.45
CA LEU C 182 -11.23 -15.89 -11.65
C LEU C 182 -11.60 -15.10 -10.42
N GLN C 183 -12.73 -15.40 -9.81
CA GLN C 183 -13.12 -14.61 -8.63
C GLN C 183 -12.13 -14.81 -7.50
N TYR C 184 -11.78 -16.06 -7.23
CA TYR C 184 -10.82 -16.40 -6.18
C TYR C 184 -9.47 -15.69 -6.35
N ASN C 185 -8.89 -15.69 -7.55
CA ASN C 185 -7.68 -14.94 -7.85
C ASN C 185 -7.83 -13.47 -7.58
N LEU C 186 -8.99 -12.92 -7.90
CA LEU C 186 -9.23 -11.50 -7.62
C LEU C 186 -9.35 -11.28 -6.11
N GLU C 187 -10.02 -12.18 -5.38
CA GLU C 187 -10.08 -11.98 -3.91
C GLU C 187 -8.72 -12.12 -3.27
N LEU C 188 -7.85 -12.94 -3.86
CA LEU C 188 -6.52 -13.15 -3.36
C LEU C 188 -5.73 -11.86 -3.53
N ALA C 189 -5.67 -11.35 -4.75
CA ALA C 189 -4.96 -10.10 -5.04
C ALA C 189 -5.53 -8.93 -4.22
N PHE C 190 -6.85 -8.88 -4.08
CA PHE C 190 -7.43 -7.74 -3.39
C PHE C 190 -7.16 -7.83 -1.89
N HIS C 191 -7.29 -9.03 -1.33
CA HIS C 191 -6.95 -9.25 0.08
C HIS C 191 -5.50 -8.88 0.41
N HIS C 192 -4.55 -9.24 -0.47
CA HIS C 192 -3.15 -8.87 -0.29
C HIS C 192 -2.97 -7.35 -0.26
N HIS C 193 -3.65 -6.67 -1.19
CA HIS C 193 -3.55 -5.23 -1.32
C HIS C 193 -4.16 -4.59 -0.11
N LEU C 194 -5.31 -5.10 0.35
CA LEU C 194 -5.91 -4.48 1.55
C LEU C 194 -5.04 -4.63 2.78
N CYS C 195 -4.36 -5.77 2.92
CA CYS C 195 -3.46 -6.02 4.05
C CYS C 195 -2.28 -5.02 4.10
N LYS C 196 -1.52 -4.91 3.00
CA LYS C 196 -0.38 -4.02 2.97
C LYS C 196 -0.77 -2.57 3.27
N THR C 197 -1.95 -2.14 2.84
CA THR C 197 -2.39 -0.74 3.00
C THR C 197 -3.18 -0.51 4.29
N HIS C 198 -3.31 -1.53 5.13
CA HIS C 198 -4.05 -1.41 6.39
C HIS C 198 -5.49 -0.92 6.21
N ARG C 199 -6.17 -1.48 5.20
CA ARG C 199 -7.54 -1.07 4.83
C ARG C 199 -8.52 -2.27 4.80
N GLN C 200 -8.23 -3.30 5.58
CA GLN C 200 -9.03 -4.51 5.56
C GLN C 200 -10.50 -4.33 5.94
N SER C 201 -10.78 -3.34 6.77
CA SER C 201 -12.14 -3.16 7.26
C SER C 201 -13.08 -2.42 6.29
N ILE C 202 -12.56 -1.81 5.20
CA ILE C 202 -13.43 -0.92 4.39
C ILE C 202 -14.69 -1.54 3.77
N LEU C 203 -14.59 -2.81 3.36
CA LEU C 203 -15.66 -3.45 2.62
C LEU C 203 -16.83 -3.79 3.51
N ALA C 204 -16.62 -3.76 4.83
CA ALA C 204 -17.68 -3.92 5.80
C ALA C 204 -18.56 -2.68 5.81
N LYS C 205 -17.98 -1.51 5.50
CA LYS C 205 -18.72 -0.25 5.58
C LYS C 205 -19.57 0.07 4.33
N LEU C 206 -19.27 -0.58 3.20
CA LEU C 206 -19.96 -0.31 1.93
C LEU C 206 -21.50 -0.32 2.00
N PRO C 207 -22.15 0.73 1.45
CA PRO C 207 -23.61 0.76 1.50
C PRO C 207 -24.22 -0.11 0.40
N PRO C 208 -25.47 -0.56 0.61
CA PRO C 208 -26.00 -1.55 -0.34
C PRO C 208 -26.49 -0.86 -1.60
N ALA C 209 -26.14 -1.45 -2.74
CA ALA C 209 -26.31 -0.83 -4.04
C ALA C 209 -27.32 -1.55 -4.99
N GLY C 210 -27.95 -2.65 -4.53
CA GLY C 210 -28.71 -3.53 -5.38
C GLY C 210 -30.03 -2.95 -5.87
N LYS C 211 -30.82 -2.46 -4.93
CA LYS C 211 -32.07 -1.77 -5.20
C LYS C 211 -31.87 -0.55 -6.13
N LEU C 212 -30.86 0.28 -5.84
CA LEU C 212 -30.59 1.46 -6.65
C LEU C 212 -30.21 1.15 -8.07
N ALA C 213 -29.35 0.15 -8.26
CA ALA C 213 -28.86 -0.15 -9.60
C ALA C 213 -30.02 -0.69 -10.42
N SER C 214 -30.90 -1.41 -9.74
CA SER C 214 -31.97 -2.06 -10.42
C SER C 214 -32.94 -1.00 -10.92
N LEU C 215 -33.26 -0.01 -10.09
CA LEU C 215 -34.05 1.13 -10.51
C LEU C 215 -33.48 1.87 -11.70
N CYS C 216 -32.17 2.06 -11.75
CA CYS C 216 -31.57 2.73 -12.88
C CYS C 216 -31.75 1.91 -14.12
N SER C 217 -31.59 0.60 -14.00
CA SER C 217 -31.76 -0.25 -15.15
C SER C 217 -33.19 -0.19 -15.68
N GLN C 218 -34.16 -0.12 -14.77
CA GLN C 218 -35.55 -0.04 -15.11
C GLN C 218 -35.85 1.23 -15.86
N HIS C 219 -35.35 2.37 -15.36
CA HIS C 219 -35.53 3.62 -16.07
C HIS C 219 -34.92 3.56 -17.45
N VAL C 220 -33.69 3.03 -17.59
CA VAL C 220 -33.06 2.87 -18.93
C VAL C 220 -33.96 2.08 -19.87
N GLU C 221 -34.50 0.97 -19.37
CA GLU C 221 -35.40 0.11 -20.15
C GLU C 221 -36.71 0.82 -20.54
N ARG C 222 -37.36 1.50 -19.60
CA ARG C 222 -38.59 2.28 -19.85
C ARG C 222 -38.41 3.22 -21.06
N LEU C 223 -37.29 3.93 -21.13
CA LEU C 223 -36.99 4.80 -22.26
C LEU C 223 -36.82 4.08 -23.61
N GLN C 224 -36.13 2.94 -23.64
CA GLN C 224 -36.04 2.18 -24.89
C GLN C 224 -37.38 1.62 -25.37
N ILE C 225 -38.21 1.19 -24.42
CA ILE C 225 -39.49 0.62 -24.75
C ILE C 225 -40.41 1.66 -25.34
N PHE C 226 -40.44 2.85 -24.76
CA PHE C 226 -41.40 3.90 -25.17
C PHE C 226 -40.85 4.93 -26.16
N GLN C 227 -39.76 4.61 -26.86
CA GLN C 227 -39.10 5.62 -27.70
C GLN C 227 -39.98 6.14 -28.85
N HIS C 228 -40.86 5.30 -29.40
CA HIS C 228 -41.71 5.70 -30.51
C HIS C 228 -42.74 6.74 -30.10
N LEU C 229 -43.20 6.66 -28.86
CA LEU C 229 -44.05 7.72 -28.29
C LEU C 229 -43.39 9.12 -28.09
N HIS C 230 -42.07 9.24 -28.28
CA HIS C 230 -41.35 10.49 -28.04
C HIS C 230 -40.54 10.98 -29.28
N PRO C 231 -40.10 12.28 -29.29
CA PRO C 231 -39.45 12.89 -30.47
C PRO C 231 -38.22 12.18 -30.95
N ILE C 232 -37.99 12.29 -32.25
CA ILE C 232 -36.82 11.73 -32.94
C ILE C 232 -35.57 12.33 -32.29
N VAL C 233 -34.57 11.49 -32.01
CA VAL C 233 -33.35 11.97 -31.37
C VAL C 233 -32.19 11.04 -31.74
N THR D 1 -30.09 -6.81 -15.20
CA THR D 1 -31.35 -6.92 -14.38
C THR D 1 -32.59 -7.28 -15.25
N ASN D 2 -32.52 -6.88 -16.52
CA ASN D 2 -33.65 -6.95 -17.46
C ASN D 2 -33.19 -6.95 -18.92
N MET D 3 -34.15 -7.17 -19.83
CA MET D 3 -33.87 -7.28 -21.28
C MET D 3 -33.30 -6.02 -21.95
N GLY D 4 -33.78 -4.85 -21.56
CA GLY D 4 -33.20 -3.57 -22.01
C GLY D 4 -31.69 -3.47 -21.79
N LEU D 5 -31.27 -3.75 -20.55
CA LEU D 5 -29.85 -3.79 -20.19
C LEU D 5 -29.06 -4.78 -21.01
N GLU D 6 -29.68 -5.94 -21.26
CA GLU D 6 -29.08 -7.03 -22.03
C GLU D 6 -28.76 -6.63 -23.44
N ALA D 7 -29.64 -5.85 -24.05
CA ALA D 7 -29.45 -5.43 -25.44
C ALA D 7 -28.24 -4.55 -25.55
N ILE D 8 -28.12 -3.59 -24.63
CA ILE D 8 -26.93 -2.71 -24.59
C ILE D 8 -25.66 -3.54 -24.46
N ILE D 9 -25.71 -4.52 -23.57
CA ILE D 9 -24.52 -5.32 -23.24
C ILE D 9 -24.08 -6.21 -24.41
N ARG D 10 -25.04 -6.92 -25.04
CA ARG D 10 -24.74 -7.74 -26.22
C ARG D 10 -24.03 -6.93 -27.30
N LYS D 11 -24.61 -5.79 -27.65
CA LYS D 11 -24.04 -4.92 -28.67
C LYS D 11 -22.62 -4.49 -28.28
N ALA D 12 -22.44 -4.10 -27.02
CA ALA D 12 -21.14 -3.60 -26.53
C ALA D 12 -20.07 -4.68 -26.59
N LEU D 13 -20.44 -5.91 -26.26
CA LEU D 13 -19.53 -7.05 -26.33
C LEU D 13 -18.99 -7.31 -27.72
N MET D 14 -19.85 -7.19 -28.73
CA MET D 14 -19.44 -7.34 -30.12
C MET D 14 -18.64 -6.13 -30.60
N GLY D 15 -19.01 -4.94 -30.13
CA GLY D 15 -18.31 -3.70 -30.48
C GLY D 15 -18.62 -3.22 -31.89
N SER E 6 34.86 -6.67 16.69
CA SER E 6 35.11 -8.14 16.65
C SER E 6 34.94 -8.74 15.24
N LEU E 7 35.51 -9.91 15.05
CA LEU E 7 35.44 -10.66 13.79
C LEU E 7 33.99 -11.03 13.45
N THR E 8 33.26 -11.48 14.46
CA THR E 8 31.85 -11.82 14.31
C THR E 8 31.03 -10.62 13.85
N GLU E 9 31.35 -9.44 14.38
CA GLU E 9 30.65 -8.21 14.02
C GLU E 9 30.78 -7.88 12.52
N ILE E 10 31.99 -8.01 12.02
CA ILE E 10 32.28 -7.85 10.59
C ILE E 10 31.43 -8.82 9.74
N GLU E 11 31.38 -10.07 10.15
CA GLU E 11 30.59 -11.08 9.45
C GLU E 11 29.09 -10.75 9.42
N HIS E 12 28.56 -10.18 10.49
CA HIS E 12 27.16 -9.69 10.49
C HIS E 12 26.95 -8.68 9.35
N LEU E 13 27.90 -7.77 9.18
CA LEU E 13 27.85 -6.81 8.09
C LEU E 13 27.90 -7.45 6.70
N VAL E 14 28.78 -8.42 6.49
CA VAL E 14 28.90 -9.11 5.20
C VAL E 14 27.60 -9.82 4.84
N GLN E 15 27.05 -10.59 5.77
CA GLN E 15 25.79 -11.32 5.52
C GLN E 15 24.65 -10.36 5.28
N SER E 16 24.61 -9.26 6.03
CA SER E 16 23.59 -8.24 5.86
C SER E 16 23.62 -7.64 4.45
N VAL E 17 24.81 -7.27 3.96
CA VAL E 17 24.96 -6.68 2.63
C VAL E 17 24.56 -7.67 1.54
N CYS E 18 24.94 -8.94 1.71
CA CYS E 18 24.55 -10.00 0.77
C CYS E 18 23.05 -10.23 0.75
N LYS E 19 22.44 -10.26 1.93
CA LYS E 19 21.00 -10.42 2.08
C LYS E 19 20.30 -9.39 1.26
N SER E 20 20.67 -8.13 1.47
CA SER E 20 20.00 -7.01 0.83
C SER E 20 20.20 -7.02 -0.67
N TYR E 21 21.37 -7.44 -1.15
CA TYR E 21 21.64 -7.51 -2.57
C TYR E 21 20.81 -8.57 -3.29
N ARG E 22 20.75 -9.77 -2.71
CA ARG E 22 19.85 -10.83 -3.20
C ARG E 22 18.37 -10.38 -3.15
N GLU E 23 17.94 -9.79 -2.04
CA GLU E 23 16.58 -9.23 -1.94
C GLU E 23 16.23 -8.22 -3.04
N THR E 24 17.22 -7.46 -3.53
CA THR E 24 16.95 -6.41 -4.50
C THR E 24 17.45 -6.72 -5.90
N CYS E 25 17.86 -7.95 -6.14
CA CYS E 25 18.09 -8.36 -7.53
C CYS E 25 16.71 -8.64 -8.14
N GLN E 26 16.55 -8.33 -9.41
CA GLN E 26 15.25 -8.53 -10.04
C GLN E 26 14.93 -10.03 -10.20
N LEU E 27 15.90 -10.77 -10.76
CA LEU E 27 15.82 -12.24 -10.87
C LEU E 27 16.96 -12.89 -10.10
N ARG E 28 16.68 -13.98 -9.37
CA ARG E 28 17.72 -14.70 -8.63
C ARG E 28 18.78 -15.25 -9.59
N LEU E 29 20.04 -15.24 -9.19
CA LEU E 29 21.08 -15.61 -10.16
C LEU E 29 20.87 -17.04 -10.71
N GLU E 30 20.38 -17.95 -9.89
CA GLU E 30 19.97 -19.32 -10.31
C GLU E 30 19.04 -19.28 -11.54
N ASP E 31 17.97 -18.49 -11.44
CA ASP E 31 17.06 -18.22 -12.57
C ASP E 31 17.77 -17.67 -13.81
N LEU E 32 18.68 -16.72 -13.65
CA LEU E 32 19.36 -16.21 -14.84
C LEU E 32 20.13 -17.27 -15.57
N LEU E 33 20.84 -18.09 -14.81
CA LEU E 33 21.66 -19.15 -15.39
C LEU E 33 20.81 -20.20 -16.06
N ARG E 34 19.72 -20.61 -15.38
CA ARG E 34 18.76 -21.59 -15.92
C ARG E 34 18.24 -21.21 -17.30
N GLN E 35 17.88 -19.95 -17.45
CA GLN E 35 17.26 -19.47 -18.66
C GLN E 35 18.24 -19.14 -19.75
N ARG E 36 19.54 -19.39 -19.53
CA ARG E 36 20.53 -19.13 -20.59
C ARG E 36 20.17 -19.90 -21.86
N SER E 37 19.52 -21.05 -21.67
CA SER E 37 19.09 -21.96 -22.74
C SER E 37 18.04 -21.31 -23.65
N ASN E 38 17.08 -20.59 -23.07
CA ASN E 38 16.08 -19.86 -23.85
C ASN E 38 16.75 -18.74 -24.64
N ILE E 39 16.83 -18.86 -25.97
CA ILE E 39 17.59 -17.95 -26.84
C ILE E 39 16.67 -17.45 -27.95
N PHE E 40 16.77 -16.15 -28.27
CA PHE E 40 15.97 -15.53 -29.32
C PHE E 40 16.28 -16.19 -30.65
N SER E 41 15.22 -16.54 -31.41
CA SER E 41 15.36 -17.05 -32.78
C SER E 41 15.72 -15.93 -33.74
N ARG E 42 16.30 -16.26 -34.90
CA ARG E 42 16.69 -15.24 -35.90
C ARG E 42 15.53 -14.31 -36.29
N GLU E 43 14.32 -14.83 -36.28
CA GLU E 43 13.14 -14.06 -36.60
C GLU E 43 12.84 -13.03 -35.54
N GLU E 44 12.86 -13.44 -34.26
CA GLU E 44 12.71 -12.52 -33.09
C GLU E 44 13.79 -11.40 -33.08
N VAL E 45 15.01 -11.77 -33.40
CA VAL E 45 16.11 -10.80 -33.61
C VAL E 45 15.78 -9.75 -34.66
N THR E 46 15.33 -10.17 -35.83
CA THR E 46 14.88 -9.23 -36.89
C THR E 46 13.68 -8.39 -36.41
N GLY E 47 12.78 -9.00 -35.61
CA GLY E 47 11.68 -8.27 -34.95
C GLY E 47 12.17 -7.02 -34.22
N TYR E 48 13.19 -7.19 -33.36
CA TYR E 48 13.82 -6.07 -32.65
C TYR E 48 14.55 -5.16 -33.61
N GLN E 49 15.31 -5.71 -34.56
CA GLN E 49 16.10 -4.87 -35.49
C GLN E 49 15.27 -3.94 -36.36
N ARG E 50 14.03 -4.31 -36.69
CA ARG E 50 13.19 -3.47 -37.51
C ARG E 50 12.47 -2.36 -36.74
N LYS E 51 12.40 -2.45 -35.40
CA LYS E 51 11.77 -1.38 -34.57
C LYS E 51 12.42 -0.01 -34.80
N SER E 52 11.68 1.06 -34.53
CA SER E 52 12.28 2.39 -34.70
C SER E 52 13.28 2.67 -33.60
N MET E 53 14.31 3.46 -33.92
CA MET E 53 15.27 3.96 -32.96
C MET E 53 14.61 4.39 -31.68
N TRP E 54 13.55 5.20 -31.81
CA TRP E 54 12.88 5.71 -30.65
C TRP E 54 12.26 4.59 -29.83
N GLU E 55 11.63 3.63 -30.49
CA GLU E 55 10.96 2.55 -29.78
C GLU E 55 11.95 1.69 -28.98
N MET E 56 13.08 1.37 -29.59
CA MET E 56 14.12 0.61 -28.96
C MET E 56 14.71 1.36 -27.73
N TRP E 57 15.04 2.63 -27.87
CA TRP E 57 15.48 3.45 -26.74
C TRP E 57 14.39 3.63 -25.72
N GLU E 58 13.15 3.67 -26.13
CA GLU E 58 12.08 3.78 -25.15
C GLU E 58 12.11 2.56 -24.23
N ARG E 59 12.27 1.38 -24.83
CA ARG E 59 12.26 0.12 -24.08
C ARG E 59 13.53 0.03 -23.24
N CYS E 60 14.67 0.26 -23.88
CA CYS E 60 15.93 0.22 -23.15
C CYS E 60 15.94 1.15 -21.94
N ALA E 61 15.58 2.43 -22.15
CA ALA E 61 15.48 3.38 -21.03
C ALA E 61 14.50 2.93 -19.96
N HIS E 62 13.40 2.32 -20.34
CA HIS E 62 12.48 1.87 -19.32
C HIS E 62 13.16 0.80 -18.45
N HIS E 63 13.98 -0.06 -19.07
CA HIS E 63 14.67 -1.09 -18.29
C HIS E 63 15.86 -0.51 -17.50
N LEU E 64 16.59 0.48 -18.08
CA LEU E 64 17.63 1.18 -17.36
C LEU E 64 17.05 1.74 -16.09
N THR E 65 15.91 2.43 -16.23
CA THR E 65 15.17 3.04 -15.11
C THR E 65 14.74 2.01 -14.10
N GLU E 66 14.16 0.90 -14.57
CA GLU E 66 13.70 -0.14 -13.67
C GLU E 66 14.89 -0.65 -12.81
N ALA E 67 16.07 -0.79 -13.43
CA ALA E 67 17.23 -1.29 -12.70
C ALA E 67 17.68 -0.29 -11.64
N ILE E 68 17.70 0.99 -12.01
CA ILE E 68 18.07 2.03 -11.06
C ILE E 68 17.18 1.97 -9.83
N GLN E 69 15.87 1.76 -10.03
CA GLN E 69 14.98 1.74 -8.88
C GLN E 69 15.37 0.60 -7.96
N TYR E 70 15.73 -0.57 -8.52
CA TYR E 70 16.21 -1.67 -7.66
C TYR E 70 17.51 -1.31 -6.90
N VAL E 71 18.40 -0.60 -7.56
CA VAL E 71 19.59 -0.09 -6.90
C VAL E 71 19.23 0.83 -5.74
N VAL E 72 18.21 1.68 -5.90
CA VAL E 72 17.78 2.51 -4.78
C VAL E 72 17.29 1.65 -3.61
N GLU E 73 16.52 0.61 -3.90
CA GLU E 73 16.10 -0.34 -2.85
C GLU E 73 17.29 -0.96 -2.12
N PHE E 74 18.31 -1.35 -2.88
CA PHE E 74 19.55 -1.84 -2.33
C PHE E 74 20.10 -0.88 -1.28
N ALA E 75 20.22 0.40 -1.65
CA ALA E 75 20.70 1.38 -0.69
C ALA E 75 19.81 1.48 0.57
N LYS E 76 18.48 1.43 0.40
CA LYS E 76 17.56 1.52 1.53
C LYS E 76 17.88 0.48 2.58
N ARG E 77 18.13 -0.75 2.13
CA ARG E 77 18.42 -1.87 3.01
C ARG E 77 19.86 -1.90 3.58
N LEU E 78 20.73 -0.99 3.15
CA LEU E 78 22.08 -0.92 3.68
C LEU E 78 22.04 -0.33 5.06
N SER E 79 23.06 -0.68 5.85
CA SER E 79 23.08 -0.42 7.29
C SER E 79 22.78 1.02 7.70
N GLY E 80 23.66 1.95 7.36
CA GLY E 80 23.47 3.31 7.87
C GLY E 80 22.90 4.31 6.89
N PHE E 81 22.42 3.83 5.76
CA PHE E 81 22.05 4.69 4.64
C PHE E 81 20.80 5.50 4.93
N MET E 82 19.81 4.89 5.56
CA MET E 82 18.56 5.62 5.87
C MET E 82 18.79 6.73 6.90
N GLU E 83 19.70 6.49 7.86
CA GLU E 83 20.12 7.50 8.84
C GLU E 83 20.73 8.76 8.22
N LEU E 84 21.39 8.66 7.06
CA LEU E 84 21.92 9.85 6.37
C LEU E 84 20.82 10.82 5.97
N CYS E 85 21.15 12.12 5.88
CA CYS E 85 20.17 13.12 5.47
C CYS E 85 19.74 12.90 4.03
N GLN E 86 18.58 13.46 3.70
CA GLN E 86 18.02 13.30 2.37
C GLN E 86 19.03 13.74 1.31
N ASN E 87 19.69 14.86 1.52
CA ASN E 87 20.66 15.40 0.54
C ASN E 87 21.75 14.37 0.21
N ASP E 88 22.31 13.75 1.25
CA ASP E 88 23.36 12.77 1.06
C ASP E 88 22.86 11.51 0.34
N GLN E 89 21.76 10.92 0.83
CA GLN E 89 21.13 9.77 0.15
C GLN E 89 21.10 10.01 -1.36
N ILE E 90 20.63 11.20 -1.77
CA ILE E 90 20.48 11.55 -3.20
C ILE E 90 21.80 11.77 -3.92
N VAL E 91 22.69 12.52 -3.32
CA VAL E 91 24.02 12.74 -3.89
C VAL E 91 24.70 11.38 -4.22
N LEU E 92 24.61 10.42 -3.30
CA LEU E 92 25.34 9.17 -3.50
C LEU E 92 24.72 8.35 -4.61
N LEU E 93 23.39 8.23 -4.59
CA LEU E 93 22.64 7.58 -5.63
C LEU E 93 22.84 8.24 -7.02
N LYS E 94 22.89 9.57 -7.11
CA LYS E 94 23.16 10.22 -8.39
C LYS E 94 24.49 9.80 -8.93
N ALA E 95 25.49 9.82 -8.07
CA ALA E 95 26.89 9.59 -8.50
C ALA E 95 27.15 8.13 -8.78
N GLY E 96 26.47 7.25 -8.05
CA GLY E 96 26.76 5.80 -8.14
C GLY E 96 25.73 4.81 -8.65
N ALA E 97 24.44 5.15 -8.66
CA ALA E 97 23.40 4.16 -9.04
C ALA E 97 23.58 3.50 -10.42
N MET E 98 23.83 4.30 -11.44
CA MET E 98 24.09 3.79 -12.79
C MET E 98 25.30 2.89 -12.87
N GLU E 99 26.41 3.27 -12.22
CA GLU E 99 27.58 2.38 -12.13
C GLU E 99 27.25 1.02 -11.51
N VAL E 100 26.45 1.02 -10.42
CA VAL E 100 25.97 -0.22 -9.84
C VAL E 100 25.17 -1.03 -10.88
N VAL E 101 24.33 -0.36 -11.65
CA VAL E 101 23.52 -1.07 -12.63
C VAL E 101 24.45 -1.79 -13.57
N LEU E 102 25.46 -1.13 -14.11
CA LEU E 102 26.40 -1.83 -15.02
C LEU E 102 27.14 -3.02 -14.40
N VAL E 103 27.57 -2.91 -13.14
CA VAL E 103 28.13 -4.04 -12.47
C VAL E 103 27.13 -5.21 -12.34
N ARG E 104 25.92 -4.91 -11.81
CA ARG E 104 24.88 -5.96 -11.69
C ARG E 104 24.57 -6.64 -13.05
N MET E 105 24.78 -5.92 -14.14
CA MET E 105 24.48 -6.45 -15.47
C MET E 105 25.33 -7.63 -15.86
N CYS E 106 26.58 -7.71 -15.39
CA CYS E 106 27.43 -8.90 -15.72
C CYS E 106 26.80 -10.22 -15.37
N ARG E 107 25.97 -10.28 -14.35
CA ARG E 107 25.36 -11.55 -14.03
C ARG E 107 24.47 -12.10 -15.13
N ALA E 108 23.79 -11.22 -15.85
CA ALA E 108 22.86 -11.66 -16.85
C ALA E 108 23.50 -11.69 -18.22
N TYR E 109 24.82 -11.59 -18.29
CA TYR E 109 25.56 -11.78 -19.53
C TYR E 109 26.17 -13.19 -19.49
N ASN E 110 26.05 -13.91 -20.58
CA ASN E 110 26.62 -15.23 -20.73
C ASN E 110 27.84 -15.17 -21.62
N ALA E 111 29.01 -15.43 -21.01
CA ALA E 111 30.30 -15.37 -21.72
C ALA E 111 30.55 -16.46 -22.78
N ASP E 112 29.96 -17.65 -22.59
CA ASP E 112 30.09 -18.78 -23.51
C ASP E 112 29.70 -18.40 -24.94
N ASN E 113 28.53 -17.79 -25.09
CA ASN E 113 27.96 -17.44 -26.39
C ASN E 113 27.82 -15.93 -26.68
N ARG E 114 28.31 -15.09 -25.76
CA ARG E 114 28.27 -13.61 -25.89
C ARG E 114 26.83 -13.06 -26.07
N THR E 115 25.92 -13.53 -25.23
CA THR E 115 24.51 -13.14 -25.29
C THR E 115 24.06 -12.67 -23.93
N VAL E 116 22.92 -11.96 -23.86
CA VAL E 116 22.47 -11.25 -22.64
C VAL E 116 20.97 -11.41 -22.42
N PHE E 117 20.52 -11.53 -21.16
CA PHE E 117 19.08 -11.59 -20.89
C PHE E 117 18.44 -10.26 -21.30
N PHE E 118 17.38 -10.31 -22.10
CA PHE E 118 16.60 -9.15 -22.52
C PHE E 118 15.14 -9.57 -22.70
N GLU E 119 14.26 -9.01 -21.87
CA GLU E 119 12.81 -9.20 -21.99
C GLU E 119 12.43 -10.66 -22.18
N GLY E 120 12.83 -11.52 -21.26
CA GLY E 120 12.37 -12.93 -21.24
C GLY E 120 13.26 -13.98 -21.87
N LYS E 121 14.23 -13.58 -22.71
CA LYS E 121 15.15 -14.51 -23.43
C LYS E 121 16.55 -13.92 -23.65
N TYR E 122 17.57 -14.76 -23.87
CA TYR E 122 18.92 -14.24 -24.18
C TYR E 122 19.03 -13.96 -25.68
N GLY E 123 19.80 -12.95 -26.05
CA GLY E 123 20.21 -12.79 -27.44
C GLY E 123 21.48 -12.01 -27.49
N GLY E 124 22.08 -11.91 -28.66
CA GLY E 124 23.37 -11.25 -28.83
C GLY E 124 23.31 -9.74 -28.94
N MET E 125 24.43 -9.18 -29.37
CA MET E 125 24.62 -7.73 -29.46
C MET E 125 23.76 -7.20 -30.60
N GLU E 126 23.53 -8.04 -31.60
CA GLU E 126 22.78 -7.72 -32.80
C GLU E 126 21.35 -7.33 -32.46
N LEU E 127 20.81 -7.88 -31.37
CA LEU E 127 19.52 -7.51 -30.88
C LEU E 127 19.29 -5.98 -30.74
N PHE E 128 20.34 -5.22 -30.52
CA PHE E 128 20.25 -3.79 -30.26
C PHE E 128 20.70 -2.91 -31.42
N ARG E 129 20.69 -3.42 -32.65
CA ARG E 129 21.12 -2.59 -33.81
C ARG E 129 20.30 -1.28 -33.96
N ALA E 130 19.01 -1.34 -33.62
CA ALA E 130 18.12 -0.17 -33.73
C ALA E 130 18.54 1.04 -32.90
N LEU E 131 19.24 0.79 -31.80
CA LEU E 131 19.70 1.84 -30.90
C LEU E 131 20.66 2.74 -31.61
N GLY E 132 21.38 2.20 -32.59
CA GLY E 132 22.20 3.03 -33.50
C GLY E 132 23.61 3.26 -33.01
N CYS E 133 23.81 3.33 -31.69
CA CYS E 133 25.08 3.62 -31.07
C CYS E 133 25.99 2.43 -30.97
N SER E 134 26.49 1.95 -32.10
CA SER E 134 27.34 0.75 -32.14
C SER E 134 28.53 0.84 -31.18
N GLU E 135 29.27 1.94 -31.21
CA GLU E 135 30.43 2.09 -30.32
C GLU E 135 30.04 1.98 -28.84
N LEU E 136 28.90 2.57 -28.46
CA LEU E 136 28.47 2.54 -27.04
C LEU E 136 28.00 1.15 -26.62
N ILE E 137 27.12 0.53 -27.41
CA ILE E 137 26.63 -0.83 -27.16
C ILE E 137 27.79 -1.82 -27.08
N SER E 138 28.68 -1.77 -28.06
CA SER E 138 29.83 -2.65 -28.10
C SER E 138 30.66 -2.50 -26.80
N SER E 139 30.82 -1.27 -26.30
CA SER E 139 31.59 -1.02 -25.08
C SER E 139 30.91 -1.59 -23.86
N ILE E 140 29.60 -1.48 -23.79
CA ILE E 140 28.85 -2.06 -22.67
C ILE E 140 29.02 -3.58 -22.67
N PHE E 141 29.05 -4.19 -23.86
CA PHE E 141 29.28 -5.62 -23.96
C PHE E 141 30.69 -6.00 -23.49
N ASP E 142 31.71 -5.34 -23.99
CA ASP E 142 33.10 -5.56 -23.54
C ASP E 142 33.25 -5.40 -22.04
N PHE E 143 32.73 -4.33 -21.47
CA PHE E 143 32.74 -4.17 -20.02
C PHE E 143 32.15 -5.37 -19.30
N SER E 144 31.02 -5.88 -19.78
CA SER E 144 30.37 -7.01 -19.09
C SER E 144 31.17 -8.30 -19.25
N HIS E 145 31.77 -8.44 -20.43
CA HIS E 145 32.61 -9.56 -20.75
C HIS E 145 33.78 -9.64 -19.77
N SER E 146 34.46 -8.51 -19.55
CA SER E 146 35.59 -8.39 -18.61
C SER E 146 35.21 -8.76 -17.22
N LEU E 147 34.10 -8.23 -16.74
CA LEU E 147 33.63 -8.57 -15.40
C LEU E 147 33.30 -10.03 -15.24
N SER E 148 32.69 -10.64 -16.25
CA SER E 148 32.35 -12.06 -16.20
C SER E 148 33.63 -12.89 -16.10
N ALA E 149 34.65 -12.54 -16.90
CA ALA E 149 35.93 -13.22 -16.87
C ALA E 149 36.53 -13.29 -15.45
N LEU E 150 36.24 -12.30 -14.60
CA LEU E 150 36.73 -12.30 -13.22
C LEU E 150 35.99 -13.25 -12.31
N HIS E 151 34.83 -13.70 -12.74
CA HIS E 151 34.00 -14.66 -11.99
C HIS E 151 33.66 -14.18 -10.60
N PHE E 152 33.22 -12.94 -10.53
CA PHE E 152 32.67 -12.37 -9.32
C PHE E 152 31.57 -13.26 -8.77
N SER E 153 31.66 -13.56 -7.50
CA SER E 153 30.59 -14.28 -6.83
C SER E 153 29.56 -13.26 -6.41
N GLU E 154 28.40 -13.76 -6.01
CA GLU E 154 27.31 -12.97 -5.50
C GLU E 154 27.76 -12.08 -4.38
N ASP E 155 28.53 -12.62 -3.45
CA ASP E 155 29.00 -11.86 -2.30
C ASP E 155 29.93 -10.71 -2.69
N GLU E 156 30.88 -10.99 -3.59
CA GLU E 156 31.80 -9.98 -4.10
C GLU E 156 31.04 -8.82 -4.81
N ILE E 157 30.08 -9.14 -5.70
CA ILE E 157 29.28 -8.09 -6.33
C ILE E 157 28.54 -7.30 -5.26
N ALA E 158 27.92 -7.98 -4.28
CA ALA E 158 27.18 -7.23 -3.24
C ALA E 158 28.07 -6.21 -2.53
N LEU E 159 29.28 -6.61 -2.19
CA LEU E 159 30.14 -5.74 -1.35
C LEU E 159 30.72 -4.66 -2.16
N TYR E 160 31.10 -5.00 -3.41
CA TYR E 160 31.75 -4.02 -4.25
C TYR E 160 30.73 -2.92 -4.62
N THR E 161 29.53 -3.31 -5.08
CA THR E 161 28.50 -2.35 -5.43
C THR E 161 28.16 -1.51 -4.19
N ALA E 162 28.16 -2.11 -2.99
CA ALA E 162 27.98 -1.28 -1.78
C ALA E 162 28.99 -0.15 -1.68
N LEU E 163 30.25 -0.44 -2.05
CA LEU E 163 31.30 0.55 -1.99
C LEU E 163 31.24 1.57 -3.13
N VAL E 164 30.74 1.16 -4.28
CA VAL E 164 30.48 2.11 -5.34
C VAL E 164 29.52 3.20 -4.84
N LEU E 165 28.44 2.83 -4.12
CA LEU E 165 27.46 3.81 -3.64
C LEU E 165 28.02 4.63 -2.51
N ILE E 166 28.51 3.93 -1.48
CA ILE E 166 29.07 4.57 -0.31
C ILE E 166 30.52 5.05 -0.55
N ASN E 167 30.61 6.17 -1.26
CA ASN E 167 31.86 6.86 -1.55
C ASN E 167 31.83 8.23 -0.89
N ALA E 168 32.80 8.51 -0.02
CA ALA E 168 32.83 9.76 0.77
C ALA E 168 33.37 10.98 0.06
N HIS E 169 33.88 10.82 -1.16
CA HIS E 169 34.45 11.95 -1.93
C HIS E 169 33.50 12.50 -2.98
N ARG E 170 32.21 12.21 -2.86
CA ARG E 170 31.28 12.77 -3.86
C ARG E 170 31.12 14.27 -3.57
N PRO E 171 31.33 15.16 -4.59
CA PRO E 171 30.97 16.58 -4.38
C PRO E 171 29.54 16.68 -3.84
N GLY E 172 29.31 17.57 -2.89
CA GLY E 172 27.96 17.91 -2.46
C GLY E 172 27.49 17.27 -1.17
N LEU E 173 28.33 16.41 -0.59
CA LEU E 173 27.92 15.73 0.62
C LEU E 173 27.94 16.68 1.81
N GLN E 174 26.89 16.63 2.63
CA GLN E 174 26.81 17.47 3.84
C GLN E 174 27.56 16.82 4.99
N GLU E 175 27.14 15.60 5.33
CA GLU E 175 27.71 14.85 6.43
C GLU E 175 28.79 13.88 5.94
N LYS E 176 29.90 14.43 5.42
CA LYS E 176 31.06 13.65 4.97
C LYS E 176 31.55 12.63 6.00
N ARG E 177 31.67 13.02 7.27
CA ARG E 177 32.18 12.09 8.33
C ARG E 177 31.30 10.88 8.46
N LYS E 178 29.97 11.04 8.58
CA LYS E 178 29.08 9.87 8.68
C LYS E 178 29.33 8.88 7.53
N VAL E 179 29.53 9.41 6.31
CA VAL E 179 29.74 8.60 5.11
C VAL E 179 31.08 7.89 5.13
N GLU E 180 32.13 8.57 5.56
CA GLU E 180 33.41 7.89 5.87
C GLU E 180 33.24 6.72 6.85
N GLN E 181 32.46 6.92 7.92
CA GLN E 181 32.26 5.86 8.89
C GLN E 181 31.69 4.60 8.21
N LEU E 182 30.64 4.78 7.38
CA LEU E 182 29.98 3.69 6.66
C LEU E 182 30.92 3.11 5.62
N GLN E 183 31.65 3.95 4.88
CA GLN E 183 32.52 3.41 3.86
C GLN E 183 33.62 2.56 4.48
N TYR E 184 34.25 3.08 5.52
CA TYR E 184 35.31 2.37 6.24
C TYR E 184 34.88 0.98 6.73
N ASN E 185 33.71 0.88 7.39
CA ASN E 185 33.15 -0.39 7.81
C ASN E 185 32.95 -1.36 6.65
N LEU E 186 32.53 -0.83 5.50
CA LEU E 186 32.38 -1.68 4.32
C LEU E 186 33.76 -2.10 3.79
N GLU E 187 34.74 -1.22 3.79
CA GLU E 187 36.08 -1.64 3.33
C GLU E 187 36.68 -2.69 4.28
N LEU E 188 36.33 -2.61 5.56
CA LEU E 188 36.80 -3.53 6.53
C LEU E 188 36.23 -4.89 6.26
N ALA E 189 34.90 -4.97 6.19
CA ALA E 189 34.22 -6.23 5.88
C ALA E 189 34.66 -6.80 4.54
N PHE E 190 34.85 -5.96 3.54
CA PHE E 190 35.17 -6.50 2.22
C PHE E 190 36.59 -7.02 2.20
N HIS E 191 37.50 -6.25 2.81
CA HIS E 191 38.90 -6.73 2.91
C HIS E 191 38.99 -8.10 3.64
N HIS E 192 38.24 -8.28 4.73
CA HIS E 192 38.22 -9.54 5.46
C HIS E 192 37.75 -10.69 4.56
N HIS E 193 36.69 -10.43 3.81
CA HIS E 193 36.09 -11.42 2.95
C HIS E 193 37.05 -11.76 1.83
N LEU E 194 37.69 -10.74 1.27
CA LEU E 194 38.67 -11.06 0.20
C LEU E 194 39.84 -11.89 0.68
N CYS E 195 40.30 -11.63 1.91
CA CYS E 195 41.39 -12.40 2.52
C CYS E 195 41.06 -13.89 2.70
N LYS E 196 39.96 -14.20 3.38
CA LYS E 196 39.57 -15.58 3.58
C LYS E 196 39.43 -16.36 2.28
N THR E 197 38.96 -15.70 1.21
CA THR E 197 38.71 -16.38 -0.06
C THR E 197 39.89 -16.32 -1.02
N HIS E 198 41.02 -15.76 -0.57
CA HIS E 198 42.22 -15.66 -1.42
C HIS E 198 41.96 -14.93 -2.75
N ARG E 199 41.22 -13.83 -2.67
CA ARG E 199 40.82 -13.04 -3.86
C ARG E 199 41.21 -11.55 -3.76
N GLN E 200 42.23 -11.24 -2.97
CA GLN E 200 42.62 -9.84 -2.74
C GLN E 200 42.88 -9.05 -4.00
N SER E 201 43.47 -9.67 -5.02
CA SER E 201 43.91 -8.92 -6.21
C SER E 201 42.79 -8.61 -7.21
N ILE E 202 41.57 -9.15 -7.03
CA ILE E 202 40.54 -8.96 -8.09
C ILE E 202 40.16 -7.52 -8.47
N LEU E 203 40.16 -6.64 -7.50
CA LEU E 203 39.72 -5.25 -7.70
C LEU E 203 40.70 -4.45 -8.51
N ALA E 204 41.92 -4.95 -8.63
CA ALA E 204 42.92 -4.36 -9.51
C ALA E 204 42.55 -4.63 -10.96
N LYS E 205 41.88 -5.74 -11.23
CA LYS E 205 41.59 -6.16 -12.59
C LYS E 205 40.31 -5.53 -13.19
N LEU E 206 39.47 -4.95 -12.34
CA LEU E 206 38.24 -4.28 -12.78
C LEU E 206 38.44 -3.25 -13.88
N PRO E 207 37.61 -3.29 -14.94
CA PRO E 207 37.64 -2.20 -15.93
C PRO E 207 36.89 -0.97 -15.41
N PRO E 208 37.25 0.22 -15.94
CA PRO E 208 36.64 1.42 -15.37
C PRO E 208 35.24 1.61 -15.95
N ALA E 209 34.31 1.94 -15.07
CA ALA E 209 32.90 2.01 -15.41
C ALA E 209 32.25 3.43 -15.41
N GLY E 210 33.03 4.46 -15.09
CA GLY E 210 32.51 5.81 -14.90
C GLY E 210 32.01 6.49 -16.17
N LYS E 211 32.85 6.48 -17.21
CA LYS E 211 32.50 6.97 -18.53
C LYS E 211 31.23 6.30 -19.12
N LEU E 212 31.18 4.97 -19.04
CA LEU E 212 30.04 4.22 -19.57
C LEU E 212 28.76 4.51 -18.86
N ALA E 213 28.80 4.60 -17.53
CA ALA E 213 27.56 4.79 -16.76
C ALA E 213 27.04 6.17 -17.03
N SER E 214 27.96 7.09 -17.26
CA SER E 214 27.58 8.47 -17.45
C SER E 214 26.84 8.56 -18.80
N LEU E 215 27.36 7.92 -19.83
CA LEU E 215 26.68 7.83 -21.10
C LEU E 215 25.27 7.24 -21.01
N CYS E 216 25.10 6.20 -20.20
CA CYS E 216 23.78 5.63 -20.03
C CYS E 216 22.85 6.60 -19.38
N SER E 217 23.36 7.33 -18.41
CA SER E 217 22.53 8.32 -17.74
C SER E 217 22.09 9.41 -18.72
N GLN E 218 22.99 9.82 -19.61
CA GLN E 218 22.72 10.82 -20.61
C GLN E 218 21.65 10.36 -21.55
N HIS E 219 21.74 9.13 -22.05
CA HIS E 219 20.70 8.58 -22.89
C HIS E 219 19.34 8.57 -22.15
N VAL E 220 19.30 8.11 -20.89
CA VAL E 220 18.06 8.15 -20.11
C VAL E 220 17.48 9.57 -20.05
N GLU E 221 18.32 10.54 -19.77
CA GLU E 221 17.93 11.97 -19.70
C GLU E 221 17.42 12.52 -21.04
N ARG E 222 18.15 12.25 -22.14
CA ARG E 222 17.73 12.68 -23.49
C ARG E 222 16.28 12.25 -23.78
N LEU E 223 15.91 11.02 -23.45
CA LEU E 223 14.53 10.54 -23.60
C LEU E 223 13.50 11.27 -22.75
N GLN E 224 13.78 11.55 -21.48
CA GLN E 224 12.83 12.36 -20.68
C GLN E 224 12.64 13.78 -21.22
N ILE E 225 13.73 14.37 -21.68
CA ILE E 225 13.69 15.74 -22.17
C ILE E 225 12.87 15.85 -23.45
N PHE E 226 13.06 14.90 -24.37
CA PHE E 226 12.43 14.98 -25.69
C PHE E 226 11.15 14.17 -25.84
N GLN E 227 10.48 13.83 -24.74
CA GLN E 227 9.30 12.96 -24.83
C GLN E 227 8.15 13.51 -25.66
N HIS E 228 7.95 14.84 -25.65
CA HIS E 228 6.82 15.45 -26.35
C HIS E 228 7.03 15.40 -27.84
N LEU E 229 8.28 15.44 -28.27
CA LEU E 229 8.62 15.20 -29.71
C LEU E 229 8.35 13.76 -30.25
N HIS E 230 8.00 12.81 -29.38
CA HIS E 230 7.76 11.40 -29.80
C HIS E 230 6.35 10.88 -29.38
N PRO E 231 5.91 9.69 -29.93
CA PRO E 231 4.59 9.11 -29.62
C PRO E 231 4.32 8.89 -28.12
N ILE E 232 3.05 8.95 -27.79
CA ILE E 232 2.51 8.82 -26.45
C ILE E 232 3.01 7.52 -25.83
N VAL E 233 3.47 7.59 -24.59
CA VAL E 233 4.14 6.45 -23.97
C VAL E 233 3.12 5.57 -23.23
N THR F 1 24.36 11.48 -13.23
CA THR F 1 25.24 12.71 -13.35
C THR F 1 24.45 13.94 -13.89
N ASN F 2 23.10 13.83 -13.87
CA ASN F 2 22.24 14.87 -14.40
C ASN F 2 20.86 14.89 -13.76
N MET F 3 20.08 15.93 -14.11
CA MET F 3 18.74 16.18 -13.52
C MET F 3 17.69 15.09 -13.82
N GLY F 4 17.69 14.56 -15.05
CA GLY F 4 16.84 13.43 -15.39
C GLY F 4 16.96 12.23 -14.43
N LEU F 5 18.22 11.82 -14.21
CA LEU F 5 18.53 10.74 -13.29
C LEU F 5 18.04 11.04 -11.87
N GLU F 6 18.21 12.30 -11.47
CA GLU F 6 17.83 12.77 -10.14
C GLU F 6 16.34 12.65 -9.88
N ALA F 7 15.53 12.92 -10.91
CA ALA F 7 14.08 12.86 -10.77
C ALA F 7 13.66 11.44 -10.48
N ILE F 8 14.21 10.48 -11.24
CA ILE F 8 13.92 9.06 -11.00
C ILE F 8 14.26 8.67 -9.56
N ILE F 9 15.43 9.14 -9.11
CA ILE F 9 15.96 8.75 -7.81
C ILE F 9 15.15 9.33 -6.66
N ARG F 10 14.82 10.63 -6.72
CA ARG F 10 13.96 11.29 -5.72
C ARG F 10 12.66 10.52 -5.52
N LYS F 11 11.96 10.26 -6.63
CA LYS F 11 10.70 9.52 -6.59
C LYS F 11 10.88 8.15 -5.94
N ALA F 12 11.93 7.44 -6.34
CA ALA F 12 12.19 6.09 -5.83
C ALA F 12 12.44 6.07 -4.32
N LEU F 13 13.20 7.06 -3.84
CA LEU F 13 13.51 7.20 -2.42
C LEU F 13 12.34 7.21 -1.44
N MET F 14 11.26 7.94 -1.70
CA MET F 14 10.11 7.86 -0.79
C MET F 14 9.16 6.71 -1.13
N LEU G 7 7.40 -29.32 44.65
CA LEU G 7 7.00 -30.47 43.81
C LEU G 7 5.48 -30.55 43.73
N THR G 8 4.83 -30.38 44.87
CA THR G 8 3.37 -30.40 44.94
C THR G 8 2.79 -29.27 44.09
N GLU G 9 3.43 -28.10 44.09
CA GLU G 9 3.00 -26.93 43.32
C GLU G 9 2.94 -27.24 41.82
N ILE G 10 4.01 -27.87 41.33
CA ILE G 10 4.12 -28.31 39.95
C ILE G 10 2.98 -29.25 39.57
N GLU G 11 2.70 -30.22 40.43
CA GLU G 11 1.62 -31.17 40.19
C GLU G 11 0.25 -30.49 40.08
N HIS G 12 -0.01 -29.46 40.92
CA HIS G 12 -1.24 -28.69 40.80
C HIS G 12 -1.39 -28.13 39.38
N LEU G 13 -0.30 -27.57 38.86
CA LEU G 13 -0.28 -27.02 37.52
C LEU G 13 -0.54 -28.04 36.44
N VAL G 14 0.08 -29.22 36.52
CA VAL G 14 -0.11 -30.28 35.50
C VAL G 14 -1.56 -30.72 35.44
N GLN G 15 -2.14 -31.02 36.61
CA GLN G 15 -3.53 -31.47 36.66
C GLN G 15 -4.47 -30.40 36.15
N SER G 16 -4.20 -29.15 36.56
CA SER G 16 -5.02 -28.04 36.14
C SER G 16 -5.02 -27.88 34.62
N VAL G 17 -3.84 -27.92 33.98
CA VAL G 17 -3.74 -27.74 32.53
C VAL G 17 -4.43 -28.86 31.79
N CYS G 18 -4.28 -30.09 32.29
CA CYS G 18 -4.96 -31.24 31.67
C CYS G 18 -6.48 -31.15 31.81
N LYS G 19 -6.95 -30.75 33.00
CA LYS G 19 -8.38 -30.57 33.25
C LYS G 19 -8.95 -29.62 32.22
N SER G 20 -8.31 -28.47 32.08
CA SER G 20 -8.83 -27.42 31.22
C SER G 20 -8.80 -27.83 29.75
N TYR G 21 -7.80 -28.59 29.33
CA TYR G 21 -7.72 -29.06 27.94
C TYR G 21 -8.83 -30.05 27.59
N ARG G 22 -9.06 -31.03 28.46
CA ARG G 22 -10.19 -31.95 28.33
C ARG G 22 -11.55 -31.19 28.36
N GLU G 23 -11.72 -30.28 29.30
CA GLU G 23 -12.92 -29.42 29.35
C GLU G 23 -13.19 -28.65 28.05
N THR G 24 -12.14 -28.27 27.33
CA THR G 24 -12.30 -27.43 26.15
C THR G 24 -12.03 -28.16 24.83
N CYS G 25 -11.92 -29.47 24.89
CA CYS G 25 -11.92 -30.25 23.64
C CYS G 25 -13.38 -30.36 23.21
N GLN G 26 -13.61 -30.32 21.91
CA GLN G 26 -14.98 -30.40 21.42
C GLN G 26 -15.56 -31.79 21.64
N LEU G 27 -14.80 -32.81 21.24
CA LEU G 27 -15.17 -34.22 21.47
C LEU G 27 -14.11 -34.90 22.33
N ARG G 28 -14.54 -35.75 23.27
CA ARG G 28 -13.61 -36.55 24.09
C ARG G 28 -12.81 -37.50 23.18
N LEU G 29 -11.54 -37.72 23.49
CA LEU G 29 -10.73 -38.49 22.55
C LEU G 29 -11.31 -39.87 22.28
N GLU G 30 -11.88 -40.49 23.33
CA GLU G 30 -12.61 -41.77 23.24
C GLU G 30 -13.65 -41.75 22.10
N ASP G 31 -14.52 -40.74 22.11
CA ASP G 31 -15.48 -40.50 21.01
C ASP G 31 -14.83 -40.40 19.62
N LEU G 32 -13.72 -39.68 19.50
CA LEU G 32 -13.10 -39.58 18.18
C LEU G 32 -12.66 -40.91 17.65
N LEU G 33 -12.05 -41.71 18.53
CA LEU G 33 -11.54 -43.02 18.16
C LEU G 33 -12.68 -43.96 17.81
N ARG G 34 -13.74 -43.96 18.64
CA ARG G 34 -14.95 -44.77 18.44
C ARG G 34 -15.53 -44.60 17.05
N GLN G 35 -15.64 -43.35 16.61
CA GLN G 35 -16.27 -43.05 15.38
C GLN G 35 -15.39 -43.20 14.18
N ARG G 36 -14.15 -43.67 14.35
CA ARG G 36 -13.24 -43.88 13.20
C ARG G 36 -13.89 -44.82 12.19
N SER G 37 -14.73 -45.73 12.70
CA SER G 37 -15.43 -46.73 11.87
C SER G 37 -16.44 -46.08 10.93
N ASN G 38 -17.17 -45.09 11.42
CA ASN G 38 -18.09 -44.32 10.55
C ASN G 38 -17.33 -43.55 9.48
N ILE G 39 -17.44 -43.96 8.23
CA ILE G 39 -16.64 -43.43 7.10
C ILE G 39 -17.60 -42.97 5.99
N PHE G 40 -17.30 -41.82 5.38
CA PHE G 40 -18.09 -41.29 4.28
C PHE G 40 -18.11 -42.28 3.12
N SER G 41 -19.32 -42.53 2.57
CA SER G 41 -19.47 -43.35 1.36
C SER G 41 -19.04 -42.57 0.13
N ARG G 42 -18.69 -43.27 -0.96
CA ARG G 42 -18.30 -42.64 -2.23
C ARG G 42 -19.28 -41.56 -2.71
N GLU G 43 -20.57 -41.78 -2.46
CA GLU G 43 -21.59 -40.83 -2.85
C GLU G 43 -21.50 -39.55 -2.06
N GLU G 44 -21.38 -39.67 -0.72
CA GLU G 44 -21.15 -38.51 0.20
C GLU G 44 -19.89 -37.71 -0.15
N VAL G 45 -18.81 -38.40 -0.50
CA VAL G 45 -17.59 -37.78 -1.03
C VAL G 45 -17.86 -36.92 -2.26
N THR G 46 -18.54 -37.48 -3.26
CA THR G 46 -18.92 -36.71 -4.46
C THR G 46 -19.86 -35.53 -4.09
N GLY G 47 -20.74 -35.73 -3.09
CA GLY G 47 -21.58 -34.65 -2.54
C GLY G 47 -20.76 -33.43 -2.17
N TYR G 48 -19.70 -33.63 -1.38
CA TYR G 48 -18.78 -32.55 -1.00
C TYR G 48 -18.03 -32.04 -2.21
N GLN G 49 -17.52 -32.93 -3.05
CA GLN G 49 -16.71 -32.49 -4.22
C GLN G 49 -17.44 -31.60 -5.22
N ARG G 50 -18.75 -31.78 -5.35
CA ARG G 50 -19.51 -30.96 -6.29
C ARG G 50 -19.90 -29.58 -5.74
N LYS G 51 -19.84 -29.37 -4.43
CA LYS G 51 -20.17 -28.05 -3.83
C LYS G 51 -19.30 -26.93 -4.40
N SER G 52 -19.79 -25.71 -4.32
CA SER G 52 -19.03 -24.56 -4.82
C SER G 52 -17.87 -24.26 -3.87
N MET G 53 -16.80 -23.73 -4.46
CA MET G 53 -15.66 -23.22 -3.71
C MET G 53 -16.10 -22.45 -2.50
N TRP G 54 -17.00 -21.52 -2.70
CA TRP G 54 -17.44 -20.68 -1.62
C TRP G 54 -18.11 -21.48 -0.52
N GLU G 55 -18.95 -22.42 -0.89
CA GLU G 55 -19.68 -23.20 0.10
C GLU G 55 -18.75 -24.03 0.99
N MET G 56 -17.76 -24.66 0.36
CA MET G 56 -16.78 -25.45 1.06
C MET G 56 -15.93 -24.60 2.04
N TRP G 57 -15.43 -23.45 1.57
CA TRP G 57 -14.73 -22.52 2.45
C TRP G 57 -15.62 -21.94 3.50
N GLU G 58 -16.90 -21.76 3.20
CA GLU G 58 -17.78 -21.25 4.23
C GLU G 58 -17.83 -22.23 5.38
N ARG G 59 -17.92 -23.53 5.07
CA ARG G 59 -18.05 -24.58 6.07
C ARG G 59 -16.71 -24.72 6.83
N CYS G 60 -15.63 -24.83 6.04
CA CYS G 60 -14.32 -24.96 6.64
C CYS G 60 -14.01 -23.80 7.58
N ALA G 61 -14.17 -22.55 7.11
CA ALA G 61 -13.94 -21.40 7.99
C ALA G 61 -14.84 -21.39 9.20
N HIS G 62 -16.09 -21.83 9.07
CA HIS G 62 -16.93 -21.86 10.25
C HIS G 62 -16.35 -22.82 11.29
N HIS G 63 -15.78 -23.93 10.84
CA HIS G 63 -15.18 -24.89 11.78
C HIS G 63 -13.82 -24.42 12.31
N LEU G 64 -13.01 -23.77 11.45
CA LEU G 64 -11.75 -23.17 11.88
C LEU G 64 -12.07 -22.20 13.03
N THR G 65 -13.08 -21.35 12.80
CA THR G 65 -13.54 -20.35 13.81
C THR G 65 -14.03 -21.01 15.06
N GLU G 66 -14.85 -22.05 14.91
CA GLU G 66 -15.37 -22.76 16.08
C GLU G 66 -14.19 -23.30 16.93
N ALA G 67 -13.16 -23.79 16.28
CA ALA G 67 -12.01 -24.38 17.01
C ALA G 67 -11.27 -23.30 17.74
N ILE G 68 -11.06 -22.16 17.07
CA ILE G 68 -10.37 -21.04 17.73
C ILE G 68 -11.12 -20.65 18.97
N GLN G 69 -12.43 -20.61 18.95
CA GLN G 69 -13.19 -20.21 20.14
C GLN G 69 -12.92 -21.18 21.26
N TYR G 70 -12.85 -22.49 20.98
CA TYR G 70 -12.47 -23.46 22.02
C TYR G 70 -11.06 -23.19 22.57
N VAL G 71 -10.14 -22.85 21.70
CA VAL G 71 -8.81 -22.46 22.13
C VAL G 71 -8.86 -21.27 23.06
N VAL G 72 -9.68 -20.29 22.77
CA VAL G 72 -9.84 -19.15 23.71
C VAL G 72 -10.33 -19.62 25.06
N GLU G 73 -11.32 -20.51 25.10
CA GLU G 73 -11.78 -21.08 26.37
C GLU G 73 -10.64 -21.78 27.13
N PHE G 74 -9.82 -22.54 26.42
CA PHE G 74 -8.64 -23.16 26.98
C PHE G 74 -7.78 -22.13 27.71
N ALA G 75 -7.47 -21.03 27.04
CA ALA G 75 -6.70 -19.98 27.71
C ALA G 75 -7.39 -19.42 28.95
N LYS G 76 -8.71 -19.21 28.89
CA LYS G 76 -9.46 -18.68 30.04
C LYS G 76 -9.20 -19.50 31.28
N ARG G 77 -9.25 -20.82 31.13
CA ARG G 77 -9.10 -21.75 32.23
C ARG G 77 -7.64 -21.97 32.68
N LEU G 78 -6.67 -21.41 31.98
CA LEU G 78 -5.26 -21.54 32.39
C LEU G 78 -5.01 -20.65 33.59
N SER G 79 -4.00 -21.01 34.37
CA SER G 79 -3.81 -20.45 35.71
C SER G 79 -3.76 -18.92 35.78
N GLY G 80 -2.75 -18.33 35.17
CA GLY G 80 -2.58 -16.89 35.35
C GLY G 80 -3.03 -16.01 34.20
N PHE G 81 -3.73 -16.62 33.24
CA PHE G 81 -4.03 -15.97 31.97
C PHE G 81 -5.06 -14.86 32.15
N MET G 82 -6.08 -15.09 32.98
CA MET G 82 -7.11 -14.07 33.19
C MET G 82 -6.57 -12.84 33.91
N GLU G 83 -5.61 -13.05 34.82
CA GLU G 83 -4.91 -11.96 35.51
C GLU G 83 -4.15 -11.01 34.58
N LEU G 84 -3.68 -11.50 33.43
CA LEU G 84 -3.00 -10.62 32.45
C LEU G 84 -3.96 -9.56 31.90
N CYS G 85 -3.40 -8.41 31.49
CA CYS G 85 -4.20 -7.33 30.94
C CYS G 85 -4.84 -7.76 29.61
N GLN G 86 -5.89 -7.05 29.21
CA GLN G 86 -6.62 -7.38 28.03
C GLN G 86 -5.67 -7.42 26.80
N ASN G 87 -4.77 -6.44 26.69
CA ASN G 87 -3.85 -6.38 25.56
C ASN G 87 -3.03 -7.68 25.43
N ASP G 88 -2.48 -8.17 26.54
CA ASP G 88 -1.67 -9.37 26.53
C ASP G 88 -2.51 -10.61 26.17
N GLN G 89 -3.64 -10.82 26.84
CA GLN G 89 -4.56 -11.91 26.52
C GLN G 89 -4.71 -12.01 25.00
N ILE G 90 -5.00 -10.88 24.34
CA ILE G 90 -5.24 -10.83 22.88
C ILE G 90 -3.99 -11.06 22.05
N VAL G 91 -2.90 -10.43 22.40
CA VAL G 91 -1.62 -10.65 21.71
C VAL G 91 -1.27 -12.15 21.67
N LEU G 92 -1.44 -12.83 22.79
CA LEU G 92 -1.00 -14.23 22.88
C LEU G 92 -1.91 -15.11 22.05
N LEU G 93 -3.22 -14.92 22.19
CA LEU G 93 -4.22 -15.60 21.37
C LEU G 93 -4.04 -15.36 19.86
N LYS G 94 -3.76 -14.13 19.46
CA LYS G 94 -3.50 -13.85 18.03
C LYS G 94 -2.36 -14.67 17.53
N ALA G 95 -1.26 -14.68 18.31
CA ALA G 95 -0.01 -15.29 17.84
C ALA G 95 -0.08 -16.80 17.90
N GLY G 96 -0.83 -17.34 18.88
CA GLY G 96 -0.81 -18.79 19.14
C GLY G 96 -2.07 -19.62 18.90
N ALA G 97 -3.28 -19.01 18.89
CA ALA G 97 -4.50 -19.81 18.81
C ALA G 97 -4.59 -20.75 17.59
N MET G 98 -4.30 -20.25 16.40
CA MET G 98 -4.32 -21.06 15.20
C MET G 98 -3.32 -22.20 15.23
N GLU G 99 -2.10 -21.94 15.70
CA GLU G 99 -1.13 -23.05 15.89
C GLU G 99 -1.68 -24.14 16.85
N VAL G 100 -2.31 -23.73 17.96
CA VAL G 100 -2.99 -24.69 18.83
C VAL G 100 -4.05 -25.49 18.07
N VAL G 101 -4.82 -24.82 17.24
CA VAL G 101 -5.86 -25.53 16.48
C VAL G 101 -5.22 -26.62 15.69
N LEU G 102 -4.16 -26.33 14.94
CA LEU G 102 -3.49 -27.39 14.15
C LEU G 102 -2.94 -28.57 14.98
N VAL G 103 -2.36 -28.28 16.13
CA VAL G 103 -1.94 -29.35 17.02
C VAL G 103 -3.13 -30.19 17.49
N ARG G 104 -4.19 -29.54 18.01
CA ARG G 104 -5.37 -30.30 18.45
C ARG G 104 -5.97 -31.17 17.33
N MET G 105 -5.78 -30.76 16.08
CA MET G 105 -6.33 -31.49 14.95
C MET G 105 -5.78 -32.89 14.81
N CYS G 106 -4.52 -33.13 15.19
CA CYS G 106 -3.96 -34.53 15.07
C CYS G 106 -4.81 -35.57 15.77
N ARG G 107 -5.50 -35.18 16.84
CA ARG G 107 -6.41 -36.09 17.55
C ARG G 107 -7.48 -36.73 16.67
N ALA G 108 -7.99 -35.97 15.73
CA ALA G 108 -9.08 -36.41 14.93
C ALA G 108 -8.63 -36.88 13.56
N TYR G 109 -7.34 -37.10 13.40
CA TYR G 109 -6.79 -37.69 12.17
C TYR G 109 -6.46 -39.15 12.46
N ASN G 110 -6.84 -40.02 11.55
CA ASN G 110 -6.56 -41.45 11.67
C ASN G 110 -5.44 -41.83 10.70
N ALA G 111 -4.29 -42.19 11.25
CA ALA G 111 -3.11 -42.54 10.45
C ALA G 111 -3.17 -43.85 9.65
N ASP G 112 -3.96 -44.83 10.13
CA ASP G 112 -4.13 -46.13 9.45
C ASP G 112 -4.60 -45.97 8.02
N ASN G 113 -5.66 -45.17 7.83
CA ASN G 113 -6.31 -44.99 6.54
C ASN G 113 -6.19 -43.57 5.93
N ARG G 114 -5.44 -42.67 6.61
CA ARG G 114 -5.22 -41.28 6.16
C ARG G 114 -6.53 -40.48 5.96
N THR G 115 -7.42 -40.58 6.95
CA THR G 115 -8.73 -39.93 6.90
C THR G 115 -8.92 -39.12 8.17
N VAL G 116 -9.89 -38.18 8.15
CA VAL G 116 -10.06 -37.17 9.20
C VAL G 116 -11.54 -36.99 9.59
N PHE G 117 -11.84 -36.75 10.87
CA PHE G 117 -13.22 -36.45 11.26
C PHE G 117 -13.64 -35.14 10.63
N PHE G 118 -14.78 -35.15 9.95
CA PHE G 118 -15.37 -33.94 9.34
C PHE G 118 -16.89 -34.08 9.38
N GLU G 119 -17.53 -33.19 10.15
CA GLU G 119 -19.00 -33.09 10.20
C GLU G 119 -19.66 -34.46 10.39
N GLY G 120 -19.28 -35.17 11.45
CA GLY G 120 -19.97 -36.42 11.82
C GLY G 120 -19.36 -37.74 11.37
N LYS G 121 -18.48 -37.72 10.35
CA LYS G 121 -17.88 -38.94 9.74
C LYS G 121 -16.44 -38.73 9.28
N TYR G 122 -15.63 -39.78 9.17
CA TYR G 122 -14.26 -39.65 8.66
C TYR G 122 -14.25 -39.72 7.14
N GLY G 123 -13.37 -38.98 6.49
CA GLY G 123 -13.12 -39.18 5.06
C GLY G 123 -11.75 -38.68 4.73
N GLY G 124 -11.29 -38.96 3.52
CA GLY G 124 -9.91 -38.64 3.10
C GLY G 124 -9.75 -37.19 2.65
N MET G 125 -8.59 -36.95 2.01
CA MET G 125 -8.15 -35.64 1.59
C MET G 125 -9.03 -35.17 0.43
N GLU G 126 -9.52 -36.14 -0.34
CA GLU G 126 -10.31 -35.90 -1.54
C GLU G 126 -11.60 -35.16 -1.18
N LEU G 127 -12.11 -35.39 0.03
CA LEU G 127 -13.27 -34.68 0.52
C LEU G 127 -13.21 -33.13 0.32
N PHE G 128 -12.00 -32.56 0.32
CA PHE G 128 -11.82 -31.11 0.28
C PHE G 128 -11.38 -30.57 -1.09
N ARG G 129 -11.61 -31.31 -2.18
CA ARG G 129 -11.18 -30.83 -3.51
C ARG G 129 -11.77 -29.46 -3.90
N ALA G 130 -13.01 -29.18 -3.46
CA ALA G 130 -13.68 -27.93 -3.78
C ALA G 130 -12.96 -26.67 -3.29
N LEU G 131 -12.19 -26.79 -2.20
CA LEU G 131 -11.45 -25.70 -1.63
C LEU G 131 -10.44 -25.19 -2.60
N GLY G 132 -9.94 -26.05 -3.48
CA GLY G 132 -9.07 -25.62 -4.58
C GLY G 132 -7.57 -25.53 -4.25
N CYS G 133 -7.26 -25.27 -2.97
CA CYS G 133 -5.87 -25.09 -2.52
C CYS G 133 -5.19 -26.39 -2.22
N SER G 134 -4.91 -27.18 -3.26
CA SER G 134 -4.31 -28.49 -3.09
C SER G 134 -3.02 -28.46 -2.27
N GLU G 135 -2.09 -27.57 -2.60
CA GLU G 135 -0.84 -27.48 -1.85
C GLU G 135 -1.06 -27.22 -0.35
N LEU G 136 -2.02 -26.35 -0.02
CA LEU G 136 -2.28 -26.03 1.39
C LEU G 136 -2.93 -27.20 2.15
N ILE G 137 -3.99 -27.75 1.58
CA ILE G 137 -4.69 -28.92 2.16
C ILE G 137 -3.73 -30.10 2.37
N SER G 138 -2.96 -30.41 1.33
CA SER G 138 -1.98 -31.47 1.39
C SER G 138 -1.01 -31.26 2.55
N SER G 139 -0.57 -30.02 2.77
CA SER G 139 0.39 -29.70 3.83
C SER G 139 -0.22 -29.89 5.19
N ILE G 140 -1.48 -29.50 5.34
CA ILE G 140 -2.16 -29.68 6.63
C ILE G 140 -2.30 -31.18 6.94
N PHE G 141 -2.53 -31.97 5.92
CA PHE G 141 -2.58 -33.43 6.09
C PHE G 141 -1.21 -34.01 6.53
N ASP G 142 -0.15 -33.67 5.80
CA ASP G 142 1.21 -34.10 6.17
C ASP G 142 1.57 -33.69 7.60
N PHE G 143 1.33 -32.44 7.96
CA PHE G 143 1.55 -31.99 9.32
C PHE G 143 0.85 -32.87 10.34
N SER G 144 -0.41 -33.23 10.09
CA SER G 144 -1.16 -34.02 11.05
C SER G 144 -0.64 -35.46 11.13
N HIS G 145 -0.22 -35.96 9.97
CA HIS G 145 0.35 -37.26 9.88
C HIS G 145 1.61 -37.37 10.75
N SER G 146 2.50 -36.38 10.63
CA SER G 146 3.72 -36.29 11.45
C SER G 146 3.45 -36.27 12.91
N LEU G 147 2.51 -35.45 13.34
CA LEU G 147 2.14 -35.36 14.75
C LEU G 147 1.60 -36.64 15.29
N SER G 148 0.77 -37.34 14.49
CA SER G 148 0.20 -38.61 14.93
C SER G 148 1.32 -39.63 15.14
N ALA G 149 2.28 -39.67 14.20
CA ALA G 149 3.44 -40.57 14.30
C ALA G 149 4.19 -40.41 15.65
N LEU G 150 4.16 -39.23 16.24
CA LEU G 150 4.81 -38.99 17.54
C LEU G 150 4.02 -39.54 18.71
N HIS G 151 2.75 -39.85 18.48
CA HIS G 151 1.88 -40.46 19.52
C HIS G 151 1.77 -39.65 20.77
N PHE G 152 1.59 -38.35 20.61
CA PHE G 152 1.32 -37.45 21.74
C PHE G 152 0.13 -37.96 22.52
N SER G 153 0.29 -38.03 23.83
CA SER G 153 -0.82 -38.32 24.71
C SER G 153 -1.58 -37.05 24.96
N GLU G 154 -2.74 -37.19 25.55
CA GLU G 154 -3.60 -36.08 25.91
C GLU G 154 -2.87 -35.11 26.82
N ASP G 155 -2.11 -35.61 27.79
CA ASP G 155 -1.36 -34.73 28.71
C ASP G 155 -0.28 -33.93 28.00
N GLU G 156 0.47 -34.58 27.12
CA GLU G 156 1.49 -33.91 26.31
C GLU G 156 0.91 -32.83 25.42
N ILE G 157 -0.20 -33.09 24.71
CA ILE G 157 -0.88 -32.06 23.90
C ILE G 157 -1.29 -30.91 24.82
N ALA G 158 -1.89 -31.20 25.97
CA ALA G 158 -2.35 -30.11 26.85
C ALA G 158 -1.20 -29.18 27.23
N LEU G 159 -0.05 -29.76 27.58
CA LEU G 159 1.04 -28.93 28.11
C LEU G 159 1.74 -28.21 27.01
N TYR G 160 1.89 -28.88 25.88
CA TYR G 160 2.61 -28.28 24.77
C TYR G 160 1.80 -27.10 24.22
N THR G 161 0.50 -27.32 23.95
CA THR G 161 -0.35 -26.25 23.46
C THR G 161 -0.38 -25.11 24.48
N ALA G 162 -0.36 -25.40 25.78
CA ALA G 162 -0.20 -24.31 26.77
C ALA G 162 1.01 -23.44 26.51
N LEU G 163 2.12 -24.07 26.14
CA LEU G 163 3.36 -23.34 25.86
C LEU G 163 3.34 -22.61 24.53
N VAL G 164 2.63 -23.16 23.55
CA VAL G 164 2.43 -22.43 22.33
C VAL G 164 1.76 -21.07 22.63
N LEU G 165 0.73 -21.02 23.48
CA LEU G 165 0.03 -19.77 23.78
C LEU G 165 0.84 -18.88 24.67
N ILE G 166 1.33 -19.43 25.79
CA ILE G 166 2.11 -18.67 26.74
C ILE G 166 3.59 -18.60 26.30
N ASN G 167 3.82 -17.70 25.34
CA ASN G 167 5.14 -17.42 24.81
C ASN G 167 5.45 -15.94 25.12
N ALA G 168 6.54 -15.70 25.82
CA ALA G 168 6.92 -14.36 26.30
C ALA G 168 7.60 -13.46 25.29
N HIS G 169 7.92 -13.99 24.10
CA HIS G 169 8.61 -13.22 23.05
C HIS G 169 7.68 -12.71 21.99
N ARG G 170 6.37 -12.67 22.24
CA ARG G 170 5.47 -12.16 21.20
C ARG G 170 5.64 -10.62 21.18
N PRO G 171 5.91 -10.02 19.98
CA PRO G 171 5.91 -8.54 19.91
C PRO G 171 4.59 -8.01 20.48
N GLY G 172 4.65 -6.91 21.24
CA GLY G 172 3.42 -6.23 21.65
C GLY G 172 2.96 -6.51 23.06
N LEU G 173 3.68 -7.36 23.77
CA LEU G 173 3.30 -7.66 25.15
C LEU G 173 3.63 -6.49 26.08
N GLN G 174 2.69 -6.15 26.94
CA GLN G 174 2.91 -5.08 27.94
C GLN G 174 3.64 -5.61 29.15
N GLU G 175 3.05 -6.61 29.79
CA GLU G 175 3.59 -7.22 30.99
C GLU G 175 4.43 -8.47 30.66
N LYS G 176 5.54 -8.28 29.93
CA LYS G 176 6.48 -9.35 29.59
C LYS G 176 6.90 -10.22 30.80
N ARG G 177 7.26 -9.60 31.91
CA ARG G 177 7.70 -10.36 33.12
C ARG G 177 6.64 -11.31 33.62
N LYS G 178 5.40 -10.85 33.81
CA LYS G 178 4.31 -11.75 34.27
C LYS G 178 4.22 -12.98 33.35
N VAL G 179 4.35 -12.79 32.03
CA VAL G 179 4.24 -13.85 31.05
C VAL G 179 5.42 -14.82 31.12
N GLU G 180 6.63 -14.31 31.29
CA GLU G 180 7.80 -15.15 31.63
C GLU G 180 7.54 -16.02 32.86
N GLN G 181 6.96 -15.43 33.93
CA GLN G 181 6.69 -16.20 35.14
C GLN G 181 5.82 -17.42 34.82
N LEU G 182 4.73 -17.20 34.08
CA LEU G 182 3.79 -18.27 33.70
C LEU G 182 4.45 -19.24 32.75
N GLN G 183 5.20 -18.74 31.77
CA GLN G 183 5.82 -19.67 30.83
C GLN G 183 6.83 -20.57 31.52
N TYR G 184 7.69 -19.98 32.34
CA TYR G 184 8.70 -20.74 33.10
C TYR G 184 8.10 -21.86 33.96
N ASN G 185 7.05 -21.56 34.73
CA ASN G 185 6.31 -22.56 35.49
C ASN G 185 5.77 -23.67 34.62
N LEU G 186 5.28 -23.35 33.43
CA LEU G 186 4.81 -24.36 32.50
C LEU G 186 5.97 -25.18 31.97
N GLU G 187 7.10 -24.55 31.65
CA GLU G 187 8.26 -25.35 31.19
C GLU G 187 8.77 -26.28 32.28
N LEU G 188 8.63 -25.85 33.53
CA LEU G 188 9.07 -26.63 34.67
C LEU G 188 8.20 -27.85 34.77
N ALA G 189 6.87 -27.65 34.85
CA ALA G 189 5.92 -28.76 34.93
C ALA G 189 6.06 -29.68 33.72
N PHE G 190 6.25 -29.14 32.53
CA PHE G 190 6.26 -30.00 31.36
C PHE G 190 7.57 -30.80 31.33
N HIS G 191 8.68 -30.15 31.63
CA HIS G 191 9.95 -30.87 31.72
C HIS G 191 9.91 -32.02 32.74
N HIS G 192 9.29 -31.82 33.92
CA HIS G 192 9.14 -32.86 34.92
C HIS G 192 8.37 -34.06 34.36
N HIS G 193 7.26 -33.75 33.66
CA HIS G 193 6.40 -34.77 33.11
C HIS G 193 7.14 -35.50 32.03
N LEU G 194 7.89 -34.78 31.20
CA LEU G 194 8.62 -35.51 30.13
C LEU G 194 9.68 -36.43 30.69
N CYS G 195 10.35 -36.02 31.77
CA CYS G 195 11.36 -36.86 32.43
C CYS G 195 10.79 -38.18 32.98
N LYS G 196 9.75 -38.11 33.80
CA LYS G 196 9.16 -39.31 34.36
C LYS G 196 8.70 -40.30 33.29
N THR G 197 8.21 -39.79 32.16
CA THR G 197 7.67 -40.66 31.09
C THR G 197 8.71 -41.04 30.06
N HIS G 198 9.96 -40.62 30.24
CA HIS G 198 11.03 -40.94 29.28
C HIS G 198 10.72 -40.48 27.85
N ARG G 199 10.21 -39.26 27.74
CA ARG G 199 9.78 -38.68 26.45
C ARG G 199 10.44 -37.31 26.16
N GLN G 200 11.60 -37.05 26.75
CA GLN G 200 12.28 -35.76 26.61
C GLN G 200 12.53 -35.35 25.18
N SER G 201 12.83 -36.29 24.29
CA SER G 201 13.26 -35.95 22.93
C SER G 201 12.11 -35.64 21.97
N ILE G 202 10.84 -35.83 22.36
CA ILE G 202 9.74 -35.61 21.38
C ILE G 202 9.65 -34.22 20.73
N LEU G 203 9.97 -33.17 21.49
CA LEU G 203 9.79 -31.79 21.01
C LEU G 203 10.81 -31.42 19.96
N ALA G 204 11.88 -32.20 19.87
CA ALA G 204 12.87 -32.04 18.80
C ALA G 204 12.30 -32.50 17.48
N LYS G 205 11.38 -33.45 17.52
CA LYS G 205 10.85 -34.06 16.29
C LYS G 205 9.67 -33.30 15.67
N LEU G 206 9.05 -32.39 16.43
CA LEU G 206 7.90 -31.60 15.95
C LEU G 206 8.09 -30.93 14.59
N PRO G 207 7.11 -31.07 13.67
CA PRO G 207 7.21 -30.36 12.39
C PRO G 207 6.80 -28.89 12.55
N PRO G 208 7.28 -28.03 11.64
CA PRO G 208 7.07 -26.60 11.89
C PRO G 208 5.67 -26.20 11.46
N ALA G 209 5.02 -25.43 12.33
CA ALA G 209 3.61 -25.12 12.16
C ALA G 209 3.27 -23.62 11.87
N GLY G 210 4.29 -22.76 11.78
CA GLY G 210 4.09 -21.31 11.72
C GLY G 210 3.49 -20.82 10.39
N LYS G 211 4.11 -21.23 9.29
CA LYS G 211 3.64 -20.97 7.95
C LYS G 211 2.20 -21.50 7.72
N LEU G 212 1.93 -22.75 8.12
CA LEU G 212 0.62 -23.32 7.97
C LEU G 212 -0.48 -22.60 8.72
N ALA G 213 -0.20 -22.24 9.97
CA ALA G 213 -1.23 -21.62 10.79
C ALA G 213 -1.55 -20.24 10.23
N SER G 214 -0.52 -19.62 9.68
CA SER G 214 -0.66 -18.27 9.20
C SER G 214 -1.56 -18.29 7.97
N LEU G 215 -1.33 -19.25 7.06
CA LEU G 215 -2.20 -19.42 5.93
C LEU G 215 -3.65 -19.65 6.30
N CYS G 216 -3.90 -20.45 7.33
CA CYS G 216 -5.27 -20.68 7.77
C CYS G 216 -5.87 -19.42 8.26
N SER G 217 -5.11 -18.63 8.99
CA SER G 217 -5.63 -17.37 9.50
C SER G 217 -6.01 -16.42 8.36
N GLN G 218 -5.19 -16.40 7.31
CA GLN G 218 -5.44 -15.60 6.14
C GLN G 218 -6.71 -16.02 5.43
N HIS G 219 -6.90 -17.31 5.23
CA HIS G 219 -8.13 -17.81 4.67
C HIS G 219 -9.33 -17.44 5.51
N VAL G 220 -9.26 -17.60 6.83
CA VAL G 220 -10.37 -17.18 7.74
C VAL G 220 -10.69 -15.72 7.53
N GLU G 221 -9.66 -14.88 7.47
CA GLU G 221 -9.84 -13.43 7.25
C GLU G 221 -10.45 -13.11 5.89
N ARG G 222 -9.95 -13.72 4.81
CA ARG G 222 -10.50 -13.54 3.45
C ARG G 222 -12.03 -13.73 3.44
N LEU G 223 -12.53 -14.79 4.09
CA LEU G 223 -13.96 -15.02 4.21
C LEU G 223 -14.73 -13.95 4.96
N GLN G 224 -14.23 -13.47 6.09
CA GLN G 224 -14.91 -12.37 6.80
C GLN G 224 -14.95 -11.06 5.98
N ILE G 225 -13.86 -10.78 5.28
CA ILE G 225 -13.76 -9.55 4.54
C ILE G 225 -14.73 -9.53 3.38
N PHE G 226 -14.84 -10.66 2.66
CA PHE G 226 -15.63 -10.69 1.43
C PHE G 226 -17.05 -11.23 1.59
N GLN G 227 -17.58 -11.26 2.82
CA GLN G 227 -18.89 -11.88 3.03
C GLN G 227 -20.04 -11.22 2.27
N HIS G 228 -20.00 -9.90 2.08
CA HIS G 228 -21.10 -9.19 1.43
C HIS G 228 -21.17 -9.52 -0.05
N LEU G 229 -20.01 -9.77 -0.67
CA LEU G 229 -19.98 -10.33 -2.03
C LEU G 229 -20.57 -11.75 -2.26
N HIS G 230 -20.80 -12.51 -1.17
CA HIS G 230 -21.38 -13.85 -1.24
C HIS G 230 -22.68 -13.93 -0.39
N THR H 1 -2.77 -13.56 13.81
CA THR H 1 -1.67 -12.87 13.03
C THR H 1 -2.21 -11.91 11.95
N ASN H 2 -3.51 -11.62 12.04
CA ASN H 2 -4.18 -10.58 11.26
C ASN H 2 -5.47 -10.10 11.96
N MET H 3 -6.08 -9.05 11.40
CA MET H 3 -7.27 -8.39 12.01
C MET H 3 -8.52 -9.28 12.06
N GLY H 4 -8.76 -10.08 11.02
CA GLY H 4 -9.84 -11.08 11.03
C GLY H 4 -9.80 -12.00 12.26
N LEU H 5 -8.63 -12.58 12.52
CA LEU H 5 -8.41 -13.42 13.70
C LEU H 5 -8.69 -12.68 14.99
N GLU H 6 -8.28 -11.41 15.03
CA GLU H 6 -8.45 -10.55 16.19
C GLU H 6 -9.91 -10.34 16.56
N ALA H 7 -10.74 -10.19 15.54
CA ALA H 7 -12.16 -9.95 15.75
C ALA H 7 -12.80 -11.15 16.39
N ILE H 8 -12.48 -12.33 15.88
CA ILE H 8 -12.96 -13.62 16.44
C ILE H 8 -12.56 -13.73 17.89
N ILE H 9 -11.31 -13.38 18.20
CA ILE H 9 -10.76 -13.55 19.53
C ILE H 9 -11.39 -12.60 20.53
N ARG H 10 -11.52 -11.31 20.17
CA ARG H 10 -12.20 -10.33 21.04
C ARG H 10 -13.60 -10.80 21.43
N LYS H 11 -14.39 -11.18 20.44
CA LYS H 11 -15.75 -11.67 20.66
C LYS H 11 -15.76 -12.88 21.57
N ALA H 12 -14.85 -13.82 21.33
CA ALA H 12 -14.79 -15.06 22.12
C ALA H 12 -14.44 -14.79 23.58
N LEU H 13 -13.53 -13.85 23.81
CA LEU H 13 -13.15 -13.42 25.16
C LEU H 13 -14.30 -12.89 25.98
N MET H 14 -15.17 -12.08 25.36
CA MET H 14 -16.38 -11.57 26.00
C MET H 14 -17.43 -12.66 26.17
N GLY H 15 -17.52 -13.58 25.20
CA GLY H 15 -18.45 -14.72 25.29
C GLY H 15 -19.90 -14.32 25.08
#